data_6QII
#
_entry.id   6QII
#
_cell.length_a   236.705
_cell.length_b   236.705
_cell.length_c   236.705
_cell.angle_alpha   90.00
_cell.angle_beta   90.00
_cell.angle_gamma   90.00
#
_symmetry.space_group_name_H-M   'F 2 3'
#
loop_
_entity.id
_entity.type
_entity.pdbx_description
1 polymer 'Coenzyme F420 hydrogenase subunit gamma'
2 polymer 'Coenzyme F420 hydrogenase subunit alpha'
3 polymer 'Coenzyme F420 hydrogenase subunit beta'
4 non-polymer 'IRON/SULFUR CLUSTER'
5 non-polymer TRIS-HYDROXYMETHYL-METHYL-AMMONIUM
6 non-polymer 'FE2/S2 (INORGANIC) CLUSTER'
7 non-polymer XENON
8 non-polymer (R,R)-2,3-BUTANEDIOL
9 non-polymer formyl[bis(hydrocyanato-1kappaC)]ironnickel(Fe-Ni)
10 non-polymer 'FE (III) ION'
11 non-polymer 'MAGNESIUM ION'
12 non-polymer 'FLAVIN-ADENINE DINUCLEOTIDE'
13 water water
#
loop_
_entity_poly.entity_id
_entity_poly.type
_entity_poly.pdbx_seq_one_letter_code
_entity_poly.pdbx_strand_id
1 'polypeptide(L)'
;MVVMENKAEATKEKKPVTNKIKIGHVHMSGCTGCLVSLADNNLGLIKILDDYADLVYCLTLADVRHIPEMDVALVEGSVC
LQDHESVEDIKETRKKSKIVVALGSCACYGNITRFSRGGQHNQPQHESYLPIGDLIDVDVYIPGCPPSPELIRNVAVMAY
LLLEGNEEQKELAGKYLKPLMDLAKRGTSGCFCDLMYDVINQGLCMGCGTCAASCPVHAITLEFGKPQGERDLCIKCGSC
YGACPRSFFNLDVISEFENISEIIAKALKDGESDD
;
G
2 'polypeptide(L)'
;TKVVEISPTTRLEGHSKLTLKVNDQGIVERGDWLSITPVRGIEKLAIGKTMEQVPKIASRVCGICPIAHTLASTEAMEAS
IGCEIPTDAKLLRIILHAANRIHSHALHNILILPDFYIPGTEKKFNLFANEQPARSVMARIVRIREIAQTIAAIAGGEAI
HPSNPRIGGMYHNVSPRAKQKMADLAKECLVLVHEQMEFMLDVIRNMQNREFVEVGGKQIPLPKKLGYHNQGVMATAPMY
GSSSLDDNPTWDFTRWKETRPWDWYMGEVTIDLEDPSYPIGGTTKVGTKANPQMESCTGVPTYDGQPVEVGPRARLATFK
NFDEKGTFAQHIARQMEYPDCCYTILNCLDNLNTSGKVLADHIPQGDGSMGWAANEAPRGSNIHLARVKDGKVRWYDMLV
PTTWNFPTCSRALTGAPWQIAEMVVRAYDPCVSCATH
;
A
3 'polypeptide(L)'
;MIEDPYLGKYVTCVSARSTDKEILKKAQDGGIATALMVYALEEGFIDGTIVAGEGDKPWQPKPVVAMTREDILKARGTRY
NISPQISWLKEATRSFGLDKVGVTGVCCQMQAVRKAQLYPINMRDVPGKVAFTVGLFCMENFSYKSLQSIVEDHANQSLG
SVKKMEITKGKFWVYTERGNVATVPLKATHKYEQPGCHVCLDYVSNLADISTGSVGSPDGWSTVFIRTKVGNEIWSKAVA
DGMFETKPIEEVKPGLDLLRKLAKEKIDKNQKTVEERKTFGINKGLRNPYA
;
B
#
loop_
_chem_comp.id
_chem_comp.type
_chem_comp.name
_chem_comp.formula
144 non-polymer TRIS-HYDROXYMETHYL-METHYL-AMMONIUM 'C4 H12 N O3 1'
BU3 non-polymer (R,R)-2,3-BUTANEDIOL 'C4 H10 O2'
FAD non-polymer 'FLAVIN-ADENINE DINUCLEOTIDE' 'C27 H33 N9 O15 P2'
FE non-polymer 'FE (III) ION' 'Fe 3'
FES non-polymer 'FE2/S2 (INORGANIC) CLUSTER' 'Fe2 S2'
MG non-polymer 'MAGNESIUM ION' 'Mg 2'
NFU non-polymer formyl[bis(hydrocyanato-1kappaC)]ironnickel(Fe-Ni) 'C3 H Fe N2 Ni O'
SF4 non-polymer 'IRON/SULFUR CLUSTER' 'Fe4 S4'
XE non-polymer XENON Xe
#
# COMPACT_ATOMS: atom_id res chain seq x y z
N THR A 18 -11.68 -12.79 29.02
CA THR A 18 -10.62 -13.54 28.35
C THR A 18 -9.28 -12.77 28.33
N ASN A 19 -8.22 -13.49 28.00
CA ASN A 19 -6.90 -12.90 27.87
C ASN A 19 -6.73 -12.29 26.47
N LYS A 20 -5.95 -11.22 26.41
CA LYS A 20 -5.40 -10.76 25.14
C LYS A 20 -4.42 -11.77 24.59
N ILE A 21 -4.43 -11.95 23.26
CA ILE A 21 -3.40 -12.78 22.64
C ILE A 21 -2.08 -12.04 22.60
N LYS A 22 -1.01 -12.80 22.44
CA LYS A 22 0.33 -12.24 22.45
C LYS A 22 0.86 -12.20 21.03
N ILE A 23 1.23 -11.01 20.56
CA ILE A 23 1.58 -10.76 19.17
C ILE A 23 2.99 -10.19 19.11
N GLY A 24 3.78 -10.67 18.15
CA GLY A 24 5.13 -10.17 17.96
C GLY A 24 5.33 -9.75 16.51
N HIS A 25 6.24 -8.81 16.31
CA HIS A 25 6.62 -8.36 14.98
C HIS A 25 8.08 -8.74 14.73
N VAL A 26 8.28 -9.77 13.89
CA VAL A 26 9.63 -10.23 13.57
C VAL A 26 10.03 -9.64 12.22
N HIS A 27 11.22 -9.04 12.16
CA HIS A 27 11.67 -8.28 11.00
C HIS A 27 12.86 -9.00 10.36
N MET A 28 12.63 -9.64 9.22
CA MET A 28 13.74 -10.20 8.47
C MET A 28 14.29 -9.18 7.47
N SER A 29 14.53 -9.59 6.22
CA SER A 29 15.04 -8.70 5.17
C SER A 29 13.86 -7.99 4.51
N GLY A 30 13.33 -7.00 5.23
CA GLY A 30 12.18 -6.25 4.79
C GLY A 30 12.47 -4.77 4.86
N CYS A 31 11.48 -3.92 4.65
CA CYS A 31 11.73 -2.49 4.56
C CYS A 31 11.05 -1.70 5.67
N THR A 32 10.32 -2.38 6.54
CA THR A 32 9.55 -1.84 7.66
C THR A 32 8.26 -1.22 7.15
N GLY A 33 8.03 -1.18 5.83
CA GLY A 33 6.76 -0.72 5.30
C GLY A 33 5.57 -1.61 5.70
N CYS A 34 5.84 -2.90 5.96
CA CYS A 34 4.79 -3.78 6.47
C CYS A 34 4.36 -3.37 7.87
N LEU A 35 5.33 -3.11 8.75
CA LEU A 35 5.04 -2.53 10.04
C LEU A 35 4.29 -1.21 9.91
N VAL A 36 4.76 -0.33 9.02
CA VAL A 36 4.11 1.00 8.87
C VAL A 36 2.64 0.81 8.51
N SER A 37 2.37 -0.10 7.57
CA SER A 37 0.99 -0.37 7.19
C SER A 37 0.13 -0.69 8.40
N LEU A 38 0.65 -1.54 9.29
CA LEU A 38 -0.11 -1.91 10.48
C LEU A 38 -0.43 -0.66 11.30
N ALA A 39 0.61 0.15 11.55
CA ALA A 39 0.43 1.39 12.29
C ALA A 39 -0.55 2.34 11.62
N ASP A 40 -0.75 2.21 10.30
CA ASP A 40 -1.66 3.08 9.57
C ASP A 40 -3.12 2.69 9.74
N ASN A 41 -3.36 1.83 10.72
CA ASN A 41 -4.73 1.51 11.21
C ASN A 41 -5.13 2.61 12.20
N ASN A 42 -4.17 3.45 12.60
CA ASN A 42 -4.41 4.63 13.46
C ASN A 42 -4.97 4.23 14.82
N LEU A 43 -6.16 4.73 15.16
CA LEU A 43 -6.79 4.41 16.46
C LEU A 43 -7.26 2.95 16.51
N GLY A 44 -7.48 2.31 15.37
CA GLY A 44 -7.86 0.89 15.33
C GLY A 44 -6.73 0.07 15.89
N LEU A 45 -5.49 0.46 15.63
CA LEU A 45 -4.40 -0.32 16.22
C LEU A 45 -4.35 -0.13 17.72
N ILE A 46 -4.56 1.10 18.17
CA ILE A 46 -4.56 1.37 19.59
C ILE A 46 -5.74 0.68 20.27
N LYS A 47 -6.89 0.58 19.58
CA LYS A 47 -8.02 -0.20 20.11
C LYS A 47 -7.66 -1.67 20.25
N ILE A 48 -6.99 -2.21 19.24
CA ILE A 48 -6.56 -3.60 19.30
C ILE A 48 -5.56 -3.82 20.42
N LEU A 49 -4.54 -2.97 20.50
CA LEU A 49 -3.53 -3.14 21.54
C LEU A 49 -4.12 -2.94 22.93
N ASP A 50 -5.13 -2.07 23.03
CA ASP A 50 -5.80 -1.83 24.31
C ASP A 50 -6.59 -3.07 24.77
N ASP A 51 -7.39 -3.68 23.88
CA ASP A 51 -8.41 -4.64 24.31
C ASP A 51 -8.16 -6.09 23.92
N TYR A 52 -7.29 -6.38 22.96
CA TYR A 52 -7.21 -7.75 22.44
C TYR A 52 -5.81 -8.31 22.31
N ALA A 53 -4.76 -7.50 22.29
CA ALA A 53 -3.45 -8.06 22.05
C ALA A 53 -2.38 -7.28 22.80
N ASP A 54 -1.36 -8.03 23.22
CA ASP A 54 -0.12 -7.48 23.75
C ASP A 54 0.95 -7.66 22.70
N LEU A 55 1.71 -6.60 22.46
CA LEU A 55 2.87 -6.65 21.57
C LEU A 55 4.06 -7.09 22.41
N VAL A 56 4.38 -8.39 22.37
CA VAL A 56 5.45 -8.91 23.21
C VAL A 56 6.83 -8.68 22.61
N TYR A 57 6.91 -8.23 21.35
CA TYR A 57 8.18 -8.14 20.63
C TYR A 57 7.98 -7.29 19.38
N CYS A 58 8.92 -6.37 19.16
CA CYS A 58 8.99 -5.51 17.98
C CYS A 58 10.16 -4.56 18.17
N LEU A 59 11.28 -4.84 17.48
CA LEU A 59 12.50 -4.08 17.74
C LEU A 59 12.31 -2.63 17.43
N THR A 60 11.34 -2.31 16.58
CA THR A 60 11.17 -0.93 16.14
C THR A 60 10.47 -0.10 17.20
N LEU A 61 9.59 -0.70 17.99
CA LEU A 61 8.76 0.00 18.97
C LEU A 61 9.09 -0.29 20.43
N ALA A 62 9.76 -1.40 20.74
CA ALA A 62 9.97 -1.81 22.13
C ALA A 62 11.34 -2.42 22.30
N ASP A 63 11.79 -2.48 23.56
CA ASP A 63 13.17 -2.83 23.87
C ASP A 63 13.41 -4.32 24.15
N VAL A 64 12.41 -5.18 23.94
CA VAL A 64 12.61 -6.62 24.11
C VAL A 64 13.62 -7.12 23.09
N ARG A 65 14.80 -7.51 23.58
CA ARG A 65 15.93 -7.81 22.72
C ARG A 65 15.83 -9.18 22.06
N HIS A 66 15.10 -10.14 22.63
CA HIS A 66 15.09 -11.50 22.08
C HIS A 66 13.67 -11.94 21.87
N ILE A 67 13.52 -12.92 20.98
CA ILE A 67 12.22 -13.38 20.50
C ILE A 67 11.56 -14.18 21.62
N PRO A 68 10.52 -13.66 22.24
CA PRO A 68 9.80 -14.41 23.28
C PRO A 68 8.85 -15.40 22.62
N GLU A 69 8.05 -16.08 23.45
CA GLU A 69 6.98 -16.90 22.92
C GLU A 69 5.84 -16.01 22.43
N MET A 70 5.17 -16.45 21.36
CA MET A 70 4.12 -15.64 20.72
C MET A 70 2.95 -16.51 20.32
N ASP A 71 1.73 -15.98 20.48
CA ASP A 71 0.55 -16.62 19.91
C ASP A 71 0.47 -16.39 18.40
N VAL A 72 0.78 -15.17 17.95
CA VAL A 72 0.82 -14.82 16.53
C VAL A 72 2.09 -14.02 16.26
N ALA A 73 2.85 -14.45 15.26
CA ALA A 73 4.07 -13.78 14.84
C ALA A 73 3.86 -13.20 13.44
N LEU A 74 3.88 -11.86 13.35
CA LEU A 74 3.87 -11.15 12.07
C LEU A 74 5.32 -11.00 11.60
N VAL A 75 5.72 -11.87 10.67
CA VAL A 75 7.07 -11.90 10.14
C VAL A 75 7.06 -11.15 8.81
N GLU A 76 7.89 -10.11 8.73
CA GLU A 76 8.04 -9.35 7.50
C GLU A 76 9.45 -9.54 6.97
N GLY A 77 9.57 -9.48 5.65
CA GLY A 77 10.85 -9.63 5.00
C GLY A 77 11.11 -11.08 4.65
N SER A 78 12.20 -11.28 3.93
CA SER A 78 12.64 -12.62 3.54
C SER A 78 13.95 -12.94 4.26
N VAL A 79 14.53 -14.10 3.94
CA VAL A 79 15.66 -14.67 4.68
C VAL A 79 16.89 -14.71 3.79
N CYS A 80 17.97 -14.03 4.21
CA CYS A 80 19.25 -14.16 3.50
C CYS A 80 20.01 -15.38 4.01
N LEU A 81 20.17 -16.39 3.13
CA LEU A 81 20.75 -17.69 3.49
C LEU A 81 22.19 -17.59 3.97
N GLN A 82 22.91 -16.50 3.67
CA GLN A 82 24.30 -16.37 4.07
C GLN A 82 24.49 -15.47 5.28
N ASP A 83 23.41 -15.08 5.96
CA ASP A 83 23.51 -14.39 7.25
C ASP A 83 23.05 -15.36 8.34
N HIS A 84 24.02 -15.84 9.13
CA HIS A 84 23.76 -16.87 10.13
C HIS A 84 22.65 -16.46 11.09
N GLU A 85 22.76 -15.26 11.68
CA GLU A 85 21.77 -14.83 12.66
C GLU A 85 20.37 -14.85 12.08
N SER A 86 20.24 -14.59 10.77
CA SER A 86 18.93 -14.48 10.13
C SER A 86 18.27 -15.84 9.97
N VAL A 87 19.02 -16.86 9.55
CA VAL A 87 18.46 -18.21 9.50
C VAL A 87 18.05 -18.66 10.89
N GLU A 88 18.81 -18.27 11.91
CA GLU A 88 18.46 -18.63 13.28
C GLU A 88 17.18 -17.93 13.75
N ASP A 89 17.05 -16.62 13.47
CA ASP A 89 15.86 -15.91 13.92
C ASP A 89 14.59 -16.55 13.38
N ILE A 90 14.58 -16.94 12.09
CA ILE A 90 13.33 -17.43 11.52
C ILE A 90 13.02 -18.85 12.02
N LYS A 91 14.03 -19.68 12.28
CA LYS A 91 13.77 -20.98 12.91
C LYS A 91 13.24 -20.80 14.33
N GLU A 92 13.91 -19.95 15.12
CA GLU A 92 13.46 -19.57 16.44
C GLU A 92 12.03 -19.08 16.44
N THR A 93 11.59 -18.39 15.38
CA THR A 93 10.25 -17.82 15.34
C THR A 93 9.19 -18.91 15.22
N ARG A 94 9.44 -19.90 14.35
CA ARG A 94 8.55 -21.06 14.27
C ARG A 94 8.47 -21.77 15.62
N LYS A 95 9.63 -22.00 16.25
CA LYS A 95 9.67 -22.71 17.53
C LYS A 95 8.87 -21.98 18.59
N LYS A 96 8.90 -20.64 18.59
CA LYS A 96 8.31 -19.82 19.65
C LYS A 96 6.88 -19.36 19.39
N SER A 97 6.24 -19.80 18.29
CA SER A 97 4.97 -19.19 17.90
C SER A 97 3.93 -20.24 17.54
N LYS A 98 2.69 -19.99 17.97
N LYS A 98 2.68 -20.01 17.95
CA LYS A 98 1.57 -20.86 17.58
CA LYS A 98 1.60 -20.90 17.53
C LYS A 98 1.19 -20.65 16.11
C LYS A 98 1.20 -20.65 16.08
N ILE A 99 0.95 -19.39 15.72
CA ILE A 99 0.61 -19.04 14.35
C ILE A 99 1.71 -18.18 13.75
N VAL A 100 2.22 -18.60 12.61
CA VAL A 100 3.20 -17.81 11.86
C VAL A 100 2.48 -17.14 10.70
N VAL A 101 2.61 -15.81 10.62
CA VAL A 101 2.06 -15.04 9.50
C VAL A 101 3.21 -14.48 8.68
N ALA A 102 3.26 -14.84 7.40
CA ALA A 102 4.05 -14.10 6.43
C ALA A 102 3.33 -12.78 6.15
N LEU A 103 3.87 -11.69 6.70
CA LEU A 103 3.27 -10.36 6.57
C LEU A 103 3.93 -9.66 5.40
N GLY A 104 3.18 -9.43 4.33
CA GLY A 104 3.69 -8.77 3.14
C GLY A 104 4.37 -9.69 2.14
N SER A 105 4.57 -9.15 0.94
CA SER A 105 5.03 -9.90 -0.23
C SER A 105 6.48 -10.35 -0.11
N CYS A 106 7.34 -9.62 0.60
CA CYS A 106 8.69 -10.13 0.78
C CYS A 106 8.67 -11.42 1.58
N ALA A 107 7.88 -11.44 2.66
CA ALA A 107 7.75 -12.66 3.47
C ALA A 107 7.00 -13.75 2.71
N CYS A 108 5.89 -13.41 2.01
CA CYS A 108 5.12 -14.44 1.31
C CYS A 108 5.88 -14.99 0.11
N TYR A 109 6.46 -14.11 -0.72
CA TYR A 109 6.86 -14.49 -2.07
C TYR A 109 8.25 -14.02 -2.48
N GLY A 110 9.02 -13.43 -1.60
CA GLY A 110 10.32 -12.89 -2.04
C GLY A 110 10.30 -11.44 -2.46
N ASN A 111 9.39 -11.08 -3.38
CA ASN A 111 9.19 -9.70 -3.84
C ASN A 111 10.51 -9.19 -4.39
N ILE A 112 10.98 -7.99 -4.01
CA ILE A 112 12.15 -7.44 -4.69
C ILE A 112 13.43 -8.21 -4.38
N THR A 113 13.44 -9.03 -3.30
CA THR A 113 14.64 -9.79 -2.98
C THR A 113 14.83 -11.00 -3.88
N ARG A 114 13.84 -11.38 -4.68
CA ARG A 114 14.11 -12.31 -5.78
C ARG A 114 15.24 -11.79 -6.65
N PHE A 115 15.36 -10.47 -6.80
CA PHE A 115 16.32 -9.89 -7.72
C PHE A 115 17.73 -9.79 -7.13
N SER A 116 17.87 -9.96 -5.81
CA SER A 116 19.20 -9.91 -5.19
C SER A 116 20.13 -10.94 -5.79
N ARG A 117 21.38 -10.55 -5.97
CA ARG A 117 22.38 -11.48 -6.49
C ARG A 117 23.78 -11.21 -5.94
N GLY A 118 23.93 -10.39 -4.90
CA GLY A 118 25.23 -10.22 -4.28
C GLY A 118 26.11 -9.21 -5.01
N GLY A 119 27.34 -9.13 -4.53
CA GLY A 119 28.42 -8.30 -5.10
C GLY A 119 28.47 -6.86 -4.64
N GLN A 120 27.79 -6.50 -3.56
CA GLN A 120 27.76 -5.10 -3.07
C GLN A 120 28.46 -4.99 -1.72
N HIS A 121 29.16 -3.89 -1.47
CA HIS A 121 29.82 -3.67 -0.17
C HIS A 121 28.77 -3.49 0.92
N ASN A 122 28.99 -4.06 2.09
CA ASN A 122 30.30 -4.61 2.48
C ASN A 122 30.16 -6.11 2.71
N GLN A 123 29.15 -6.73 2.12
CA GLN A 123 29.02 -8.20 2.27
C GLN A 123 28.72 -8.74 0.88
N PRO A 124 29.69 -8.76 -0.04
CA PRO A 124 29.43 -9.22 -1.41
C PRO A 124 28.84 -10.64 -1.46
N GLN A 125 29.05 -11.46 -0.42
CA GLN A 125 28.53 -12.83 -0.34
C GLN A 125 27.06 -12.92 0.06
N HIS A 126 26.49 -11.85 0.63
CA HIS A 126 25.05 -11.84 0.90
C HIS A 126 24.30 -11.86 -0.43
N GLU A 127 23.85 -13.03 -0.85
CA GLU A 127 23.52 -13.23 -2.25
C GLU A 127 22.13 -13.81 -2.47
N SER A 128 21.67 -14.64 -1.54
CA SER A 128 20.52 -15.53 -1.77
C SER A 128 19.42 -15.24 -0.78
N TYR A 129 18.21 -15.05 -1.27
CA TYR A 129 17.09 -14.64 -0.43
C TYR A 129 15.88 -15.51 -0.76
N LEU A 130 15.29 -16.11 0.27
CA LEU A 130 14.09 -16.91 0.09
C LEU A 130 12.95 -16.39 0.96
N PRO A 131 11.72 -16.45 0.47
CA PRO A 131 10.57 -16.20 1.35
C PRO A 131 10.54 -17.22 2.49
N ILE A 132 9.87 -16.85 3.60
CA ILE A 132 10.03 -17.60 4.85
C ILE A 132 9.54 -19.03 4.70
N GLY A 133 8.44 -19.22 3.97
CA GLY A 133 7.83 -20.53 3.77
C GLY A 133 8.76 -21.57 3.16
N ASP A 134 9.93 -21.13 2.71
CA ASP A 134 10.93 -22.03 2.15
C ASP A 134 11.85 -22.59 3.23
N LEU A 135 11.82 -21.98 4.41
CA LEU A 135 12.64 -22.42 5.53
C LEU A 135 11.84 -22.95 6.69
N ILE A 136 10.62 -22.44 6.89
CA ILE A 136 9.76 -22.87 7.97
C ILE A 136 8.35 -23.03 7.41
N ASP A 137 7.47 -23.59 8.22
CA ASP A 137 6.08 -23.74 7.84
C ASP A 137 5.34 -22.48 8.20
N VAL A 138 4.48 -22.04 7.30
CA VAL A 138 3.75 -20.79 7.44
C VAL A 138 2.26 -21.11 7.44
N ASP A 139 1.54 -20.51 8.38
CA ASP A 139 0.13 -20.78 8.53
C ASP A 139 -0.76 -19.80 7.75
N VAL A 140 -0.39 -18.54 7.69
CA VAL A 140 -1.22 -17.53 7.05
C VAL A 140 -0.36 -16.61 6.21
N TYR A 141 -0.86 -16.26 5.03
CA TYR A 141 -0.25 -15.25 4.17
C TYR A 141 -1.06 -13.96 4.23
N ILE A 142 -0.34 -12.85 4.39
CA ILE A 142 -0.94 -11.54 4.12
C ILE A 142 -0.18 -10.93 2.96
N PRO A 143 -0.59 -11.18 1.72
CA PRO A 143 0.17 -10.69 0.58
C PRO A 143 -0.10 -9.21 0.33
N GLY A 144 0.89 -8.55 -0.26
CA GLY A 144 0.79 -7.17 -0.67
C GLY A 144 2.13 -6.47 -0.52
N CYS A 145 2.34 -5.45 -1.37
CA CYS A 145 3.51 -4.58 -1.26
C CYS A 145 3.17 -3.17 -1.74
N PRO A 146 2.72 -2.28 -0.84
CA PRO A 146 2.53 -2.59 0.58
C PRO A 146 1.23 -3.38 0.86
N PRO A 147 1.25 -4.19 1.92
CA PRO A 147 0.01 -4.84 2.37
C PRO A 147 -0.98 -3.80 2.90
N SER A 148 -2.28 -4.06 2.65
CA SER A 148 -3.31 -3.10 3.02
C SER A 148 -3.52 -3.12 4.54
N PRO A 149 -3.52 -1.97 5.20
CA PRO A 149 -3.82 -1.96 6.64
C PRO A 149 -5.09 -2.74 6.99
N GLU A 150 -6.17 -2.57 6.22
CA GLU A 150 -7.42 -3.26 6.49
C GLU A 150 -7.21 -4.76 6.62
N LEU A 151 -6.43 -5.35 5.72
CA LEU A 151 -6.24 -6.79 5.77
C LEU A 151 -5.49 -7.20 7.04
N ILE A 152 -4.48 -6.42 7.44
CA ILE A 152 -3.70 -6.80 8.61
C ILE A 152 -4.58 -6.72 9.86
N ARG A 153 -5.36 -5.66 9.96
CA ARG A 153 -6.36 -5.54 11.02
C ARG A 153 -7.34 -6.72 11.02
N ASN A 154 -8.02 -6.94 9.89
CA ASN A 154 -8.97 -8.04 9.79
C ASN A 154 -8.34 -9.36 10.23
N VAL A 155 -7.11 -9.64 9.79
CA VAL A 155 -6.49 -10.91 10.12
C VAL A 155 -6.16 -10.99 11.61
N ALA A 156 -5.89 -9.84 12.23
CA ALA A 156 -5.54 -9.83 13.65
C ALA A 156 -6.79 -10.04 14.50
N VAL A 157 -7.88 -9.39 14.15
CA VAL A 157 -9.13 -9.58 14.86
C VAL A 157 -9.63 -11.02 14.70
N MET A 158 -9.55 -11.56 13.48
CA MET A 158 -10.00 -12.92 13.27
C MET A 158 -9.11 -13.92 14.00
N ALA A 159 -7.82 -13.62 14.17
CA ALA A 159 -6.97 -14.52 14.94
C ALA A 159 -7.39 -14.54 16.41
N TYR A 160 -7.80 -13.39 16.92
CA TYR A 160 -8.27 -13.32 18.31
C TYR A 160 -9.56 -14.11 18.49
N LEU A 161 -10.51 -13.97 17.57
CA LEU A 161 -11.73 -14.77 17.65
C LEU A 161 -11.42 -16.26 17.55
N LEU A 162 -10.44 -16.62 16.73
CA LEU A 162 -10.10 -18.02 16.59
C LEU A 162 -9.54 -18.61 17.86
N LEU A 163 -9.19 -17.78 18.84
CA LEU A 163 -8.50 -18.25 20.02
C LEU A 163 -9.20 -17.93 21.34
N GLU A 164 -10.06 -16.92 21.39
CA GLU A 164 -10.69 -16.52 22.64
C GLU A 164 -12.18 -16.26 22.48
N GLY A 165 -12.78 -16.68 21.36
CA GLY A 165 -14.19 -16.47 21.12
C GLY A 165 -15.03 -17.72 21.38
N ASN A 166 -16.33 -17.55 21.22
CA ASN A 166 -17.22 -18.71 21.29
C ASN A 166 -17.07 -19.56 20.04
N GLU A 167 -17.71 -20.73 20.04
CA GLU A 167 -17.57 -21.63 18.90
C GLU A 167 -18.12 -21.01 17.62
N GLU A 168 -19.08 -20.09 17.73
CA GLU A 168 -19.64 -19.44 16.55
C GLU A 168 -18.64 -18.50 15.90
N GLN A 169 -17.76 -17.90 16.70
CA GLN A 169 -16.75 -16.99 16.17
C GLN A 169 -15.55 -17.76 15.63
N LYS A 170 -14.99 -18.68 16.41
CA LYS A 170 -13.89 -19.49 15.90
C LYS A 170 -14.27 -20.23 14.62
N GLU A 171 -15.57 -20.40 14.35
CA GLU A 171 -15.99 -20.98 13.09
C GLU A 171 -15.97 -19.93 11.98
N LEU A 172 -16.61 -18.78 12.20
CA LEU A 172 -16.47 -17.64 11.31
C LEU A 172 -14.99 -17.35 11.02
N ALA A 173 -14.22 -17.11 12.08
CA ALA A 173 -12.82 -16.70 11.91
C ALA A 173 -12.02 -17.73 11.11
N GLY A 174 -12.26 -19.03 11.35
CA GLY A 174 -11.54 -20.07 10.66
C GLY A 174 -11.90 -20.21 9.20
N LYS A 175 -13.12 -19.83 8.82
CA LYS A 175 -13.52 -19.81 7.42
C LYS A 175 -12.95 -18.58 6.69
N TYR A 176 -12.98 -17.41 7.35
CA TYR A 176 -12.36 -16.21 6.79
C TYR A 176 -10.89 -16.43 6.46
N LEU A 177 -10.14 -16.95 7.41
CA LEU A 177 -8.71 -17.13 7.24
C LEU A 177 -8.36 -18.23 6.26
N LYS A 178 -9.32 -19.08 5.87
CA LYS A 178 -8.96 -20.26 5.09
C LYS A 178 -8.29 -19.92 3.76
N PRO A 179 -8.78 -18.98 2.95
CA PRO A 179 -8.07 -18.68 1.70
C PRO A 179 -6.68 -18.11 1.94
N LEU A 180 -6.48 -17.34 3.02
CA LEU A 180 -5.13 -16.88 3.34
C LEU A 180 -4.24 -18.04 3.78
N MET A 181 -4.82 -19.11 4.34
CA MET A 181 -4.04 -20.29 4.66
C MET A 181 -3.80 -21.15 3.42
N ASP A 182 -4.79 -21.21 2.53
CA ASP A 182 -4.59 -21.90 1.25
C ASP A 182 -3.49 -21.24 0.42
N LEU A 183 -3.38 -19.91 0.46
CA LEU A 183 -2.27 -19.27 -0.26
C LEU A 183 -0.93 -19.71 0.29
N ALA A 184 -0.81 -19.84 1.62
CA ALA A 184 0.47 -20.26 2.19
C ALA A 184 0.83 -21.69 1.81
N LYS A 185 -0.17 -22.52 1.49
CA LYS A 185 0.14 -23.87 1.04
C LYS A 185 0.30 -23.99 -0.47
N ARG A 186 -0.13 -22.97 -1.24
CA ARG A 186 -0.03 -23.04 -2.69
C ARG A 186 1.41 -22.93 -3.16
N GLY A 187 2.20 -22.04 -2.55
CA GLY A 187 3.62 -21.95 -2.89
C GLY A 187 4.24 -20.70 -2.30
N THR A 188 5.46 -20.42 -2.78
CA THR A 188 6.20 -19.24 -2.33
C THR A 188 6.57 -18.30 -3.49
N SER A 189 5.84 -18.36 -4.60
CA SER A 189 6.16 -17.58 -5.79
C SER A 189 5.02 -16.63 -6.13
N GLY A 190 5.37 -15.37 -6.41
CA GLY A 190 4.39 -14.39 -6.86
C GLY A 190 4.92 -13.61 -8.05
N CYS A 191 4.01 -13.34 -9.00
CA CYS A 191 4.43 -12.70 -10.26
C CYS A 191 3.20 -12.40 -11.12
N PHE A 192 3.37 -11.46 -12.07
CA PHE A 192 2.27 -11.20 -13.01
C PHE A 192 1.83 -12.49 -13.72
N CYS A 193 2.76 -13.41 -13.95
CA CYS A 193 2.44 -14.61 -14.70
C CYS A 193 1.43 -15.50 -13.96
N ASP A 194 1.25 -15.29 -12.64
CA ASP A 194 0.17 -15.99 -11.93
C ASP A 194 -1.15 -15.83 -12.69
N LEU A 195 -1.42 -14.63 -13.21
CA LEU A 195 -2.69 -14.38 -13.88
C LEU A 195 -2.80 -15.14 -15.19
N MET A 196 -1.66 -15.52 -15.78
CA MET A 196 -1.66 -16.32 -17.00
C MET A 196 -1.84 -17.79 -16.62
N TYR A 197 -0.86 -18.37 -15.93
CA TYR A 197 -0.89 -19.76 -15.46
C TYR A 197 -2.26 -20.18 -14.90
N ASP A 198 -2.72 -19.49 -13.86
CA ASP A 198 -3.80 -19.95 -13.00
C ASP A 198 -5.13 -19.25 -13.22
N VAL A 199 -5.23 -18.35 -14.22
CA VAL A 199 -6.49 -17.67 -14.50
C VAL A 199 -6.83 -17.69 -15.99
N ILE A 200 -6.11 -16.90 -16.79
CA ILE A 200 -6.34 -16.89 -18.24
C ILE A 200 -6.13 -18.28 -18.83
N ASN A 201 -4.97 -18.90 -18.57
CA ASN A 201 -4.68 -20.21 -19.15
C ASN A 201 -5.69 -21.27 -18.67
N GLN A 202 -6.38 -21.01 -17.56
CA GLN A 202 -7.35 -21.92 -16.93
C GLN A 202 -8.80 -21.68 -17.34
N GLY A 203 -9.07 -20.80 -18.31
CA GLY A 203 -10.47 -20.51 -18.62
C GLY A 203 -11.22 -19.63 -17.64
N LEU A 204 -10.52 -19.03 -16.67
CA LEU A 204 -11.22 -18.37 -15.57
C LEU A 204 -11.35 -16.85 -15.70
N CYS A 205 -10.59 -16.19 -16.58
CA CYS A 205 -10.60 -14.72 -16.59
C CYS A 205 -11.87 -14.17 -17.22
N MET A 206 -12.39 -13.15 -16.57
CA MET A 206 -13.69 -12.55 -16.94
C MET A 206 -13.52 -11.06 -17.25
N GLY A 207 -12.29 -10.55 -17.22
CA GLY A 207 -11.94 -9.18 -17.61
C GLY A 207 -12.45 -8.06 -16.74
N CYS A 208 -12.57 -8.28 -15.45
CA CYS A 208 -13.10 -7.28 -14.52
C CYS A 208 -12.14 -6.10 -14.36
N GLY A 209 -10.84 -6.34 -14.48
CA GLY A 209 -9.84 -5.31 -14.36
C GLY A 209 -9.26 -5.12 -12.97
N THR A 210 -9.65 -5.96 -12.00
CA THR A 210 -9.23 -5.80 -10.61
C THR A 210 -7.72 -5.87 -10.47
N CYS A 211 -7.09 -6.79 -11.19
CA CYS A 211 -5.64 -6.92 -11.15
C CYS A 211 -4.95 -5.59 -11.47
N ALA A 212 -5.42 -4.88 -12.50
CA ALA A 212 -4.85 -3.57 -12.83
C ALA A 212 -4.94 -2.59 -11.65
N ALA A 213 -6.07 -2.56 -10.92
CA ALA A 213 -6.20 -1.63 -9.80
C ALA A 213 -5.22 -1.96 -8.67
N SER A 214 -4.95 -3.23 -8.43
CA SER A 214 -4.16 -3.58 -7.26
C SER A 214 -2.66 -3.53 -7.53
N CYS A 215 -2.23 -3.62 -8.78
CA CYS A 215 -0.81 -3.61 -9.07
C CYS A 215 -0.18 -2.31 -8.58
N PRO A 216 0.85 -2.37 -7.74
CA PRO A 216 1.42 -1.14 -7.18
C PRO A 216 2.41 -0.40 -8.10
N VAL A 217 2.89 -1.01 -9.19
CA VAL A 217 3.83 -0.36 -10.12
C VAL A 217 3.23 -0.13 -11.51
N HIS A 218 1.91 -0.14 -11.68
CA HIS A 218 1.27 0.10 -12.98
C HIS A 218 1.85 -0.80 -14.08
N ALA A 219 2.02 -2.07 -13.75
CA ALA A 219 2.57 -3.03 -14.70
C ALA A 219 1.51 -3.72 -15.54
N ILE A 220 0.23 -3.46 -15.29
CA ILE A 220 -0.86 -4.25 -15.88
C ILE A 220 -1.80 -3.31 -16.60
N THR A 221 -2.03 -3.56 -17.89
CA THR A 221 -3.12 -2.94 -18.61
C THR A 221 -4.04 -4.04 -19.13
N LEU A 222 -5.27 -3.67 -19.46
CA LEU A 222 -6.18 -4.58 -20.12
C LEU A 222 -6.31 -4.16 -21.58
N GLU A 223 -6.03 -5.11 -22.48
CA GLU A 223 -6.13 -4.91 -23.92
C GLU A 223 -7.26 -5.80 -24.41
N PHE A 224 -8.34 -5.17 -24.86
CA PHE A 224 -9.50 -5.95 -25.31
C PHE A 224 -10.03 -6.86 -24.19
N GLY A 225 -10.07 -6.33 -22.97
CA GLY A 225 -10.66 -7.06 -21.86
C GLY A 225 -9.78 -8.11 -21.24
N LYS A 226 -8.48 -8.14 -21.59
CA LYS A 226 -7.63 -9.21 -21.11
C LYS A 226 -6.31 -8.65 -20.63
N PRO A 227 -5.74 -9.24 -19.58
CA PRO A 227 -4.52 -8.67 -18.96
C PRO A 227 -3.28 -8.68 -19.88
N GLN A 228 -2.55 -7.57 -19.82
CA GLN A 228 -1.27 -7.37 -20.49
C GLN A 228 -0.25 -6.91 -19.44
N GLY A 229 0.77 -7.71 -19.21
CA GLY A 229 1.73 -7.47 -18.16
C GLY A 229 3.05 -6.97 -18.70
N GLU A 230 3.53 -5.87 -18.12
CA GLU A 230 4.90 -5.39 -18.31
C GLU A 230 5.78 -6.13 -17.32
N ARG A 231 6.30 -7.28 -17.76
CA ARG A 231 7.05 -8.18 -16.91
C ARG A 231 8.41 -7.62 -16.49
N ASP A 232 8.93 -6.59 -17.16
CA ASP A 232 10.17 -5.97 -16.67
C ASP A 232 9.92 -4.77 -15.75
N LEU A 233 8.66 -4.43 -15.51
CA LEU A 233 8.20 -3.50 -14.47
C LEU A 233 7.77 -4.21 -13.20
N CYS A 234 7.10 -5.36 -13.35
CA CYS A 234 6.63 -6.17 -12.22
C CYS A 234 7.75 -6.51 -11.23
N ILE A 235 7.49 -6.25 -9.95
CA ILE A 235 8.45 -6.54 -8.87
C ILE A 235 8.13 -7.84 -8.12
N LYS A 236 7.17 -8.64 -8.61
CA LYS A 236 7.01 -10.04 -8.19
C LYS A 236 6.44 -10.14 -6.79
N CYS A 237 5.32 -9.45 -6.57
CA CYS A 237 4.75 -9.30 -5.25
C CYS A 237 3.53 -10.20 -5.00
N GLY A 238 2.94 -10.78 -6.03
CA GLY A 238 1.81 -11.68 -5.88
C GLY A 238 0.49 -11.00 -5.61
N SER A 239 0.45 -9.67 -5.69
CA SER A 239 -0.77 -8.97 -5.30
C SER A 239 -1.90 -9.23 -6.27
N CYS A 240 -1.57 -9.42 -7.56
CA CYS A 240 -2.65 -9.42 -8.55
C CYS A 240 -3.44 -10.73 -8.54
N TYR A 241 -2.77 -11.87 -8.42
CA TYR A 241 -3.49 -13.13 -8.23
C TYR A 241 -4.29 -13.11 -6.93
N GLY A 242 -3.68 -12.65 -5.84
CA GLY A 242 -4.41 -12.42 -4.61
C GLY A 242 -5.74 -11.72 -4.82
N ALA A 243 -5.70 -10.50 -5.38
CA ALA A 243 -6.90 -9.69 -5.47
C ALA A 243 -7.87 -10.19 -6.52
N CYS A 244 -7.38 -10.97 -7.50
CA CYS A 244 -8.23 -11.49 -8.58
C CYS A 244 -9.43 -12.25 -8.01
N PRO A 245 -10.66 -11.92 -8.42
CA PRO A 245 -11.84 -12.63 -7.89
C PRO A 245 -12.05 -13.99 -8.52
N ARG A 246 -11.05 -14.48 -9.25
CA ARG A 246 -11.08 -15.83 -9.80
C ARG A 246 -9.82 -16.61 -9.40
N SER A 247 -9.10 -16.15 -8.38
CA SER A 247 -8.10 -16.99 -7.74
C SER A 247 -8.83 -17.82 -6.68
N PHE A 248 -9.05 -17.22 -5.52
CA PHE A 248 -9.99 -17.74 -4.53
C PHE A 248 -11.23 -16.85 -4.51
N PHE A 249 -12.41 -17.48 -4.45
CA PHE A 249 -13.67 -16.76 -4.20
C PHE A 249 -14.53 -17.64 -3.29
N ASN A 250 -14.32 -17.52 -1.98
CA ASN A 250 -15.07 -18.30 -0.99
C ASN A 250 -16.45 -17.68 -0.79
N LEU A 251 -17.44 -18.26 -1.47
CA LEU A 251 -18.78 -17.69 -1.44
C LEU A 251 -19.36 -17.63 -0.02
N ASP A 252 -18.94 -18.52 0.90
CA ASP A 252 -19.56 -18.54 2.22
C ASP A 252 -19.23 -17.28 3.02
N VAL A 253 -17.99 -16.79 2.90
CA VAL A 253 -17.61 -15.53 3.55
C VAL A 253 -18.08 -14.32 2.75
N ILE A 254 -17.78 -14.29 1.45
CA ILE A 254 -17.83 -13.03 0.72
C ILE A 254 -19.26 -12.57 0.49
N SER A 255 -20.19 -13.52 0.36
CA SER A 255 -21.61 -13.19 0.26
C SER A 255 -22.19 -12.64 1.56
N GLU A 256 -21.57 -12.90 2.70
CA GLU A 256 -21.94 -12.28 3.97
C GLU A 256 -21.17 -10.99 4.23
N PHE A 257 -20.97 -10.16 3.19
CA PHE A 257 -20.05 -9.03 3.35
C PHE A 257 -20.61 -8.00 4.33
N GLU A 258 -21.92 -7.73 4.26
CA GLU A 258 -22.52 -6.75 5.16
C GLU A 258 -22.35 -7.19 6.61
N ASN A 259 -22.63 -8.47 6.88
CA ASN A 259 -22.57 -9.00 8.24
C ASN A 259 -21.14 -8.96 8.79
N ILE A 260 -20.20 -9.55 8.05
CA ILE A 260 -18.81 -9.60 8.50
C ILE A 260 -18.25 -8.19 8.64
N SER A 261 -18.72 -7.25 7.82
CA SER A 261 -18.27 -5.88 7.99
C SER A 261 -18.79 -5.31 9.29
N GLU A 262 -20.05 -5.56 9.60
CA GLU A 262 -20.62 -5.07 10.84
C GLU A 262 -19.87 -5.64 12.05
N ILE A 263 -19.59 -6.94 12.04
CA ILE A 263 -18.86 -7.55 13.15
C ILE A 263 -17.51 -6.86 13.34
N ILE A 264 -16.76 -6.69 12.25
CA ILE A 264 -15.43 -6.10 12.35
C ILE A 264 -15.51 -4.69 12.90
N ALA A 265 -16.44 -3.88 12.39
CA ALA A 265 -16.58 -2.53 12.92
C ALA A 265 -16.90 -2.56 14.40
N LYS A 266 -17.76 -3.49 14.83
CA LYS A 266 -18.13 -3.61 16.24
C LYS A 266 -16.88 -3.81 17.09
N ALA A 267 -16.00 -4.72 16.66
CA ALA A 267 -14.86 -5.07 17.47
C ALA A 267 -13.91 -3.90 17.68
N LEU A 268 -14.06 -2.81 16.93
CA LEU A 268 -13.20 -1.65 17.10
C LEU A 268 -13.95 -0.43 17.61
N LYS A 269 -15.23 -0.55 17.95
CA LYS A 269 -15.99 0.63 18.33
C LYS A 269 -15.68 1.05 19.77
N ASP A 270 -15.75 2.35 20.01
CA ASP A 270 -15.43 2.94 21.31
C ASP A 270 -16.66 3.05 22.18
N THR B 1 40.09 -0.07 29.99
CA THR B 1 39.28 -0.38 28.84
C THR B 1 38.61 -1.75 28.92
N LYS B 2 37.29 -1.76 28.76
CA LYS B 2 36.52 -2.99 28.65
C LYS B 2 35.65 -2.89 27.40
N VAL B 3 35.03 -4.00 27.01
CA VAL B 3 34.25 -4.09 25.78
C VAL B 3 32.85 -4.58 26.13
N VAL B 4 31.85 -3.69 26.02
CA VAL B 4 30.45 -4.05 26.15
C VAL B 4 29.77 -3.87 24.80
N GLU B 5 28.79 -4.73 24.50
CA GLU B 5 28.10 -4.71 23.22
C GLU B 5 26.59 -4.83 23.39
N ILE B 6 25.85 -3.91 22.78
CA ILE B 6 24.38 -3.95 22.74
C ILE B 6 23.94 -4.47 21.36
N SER B 7 23.23 -5.59 21.36
CA SER B 7 22.76 -6.15 20.09
C SER B 7 21.51 -7.02 20.29
N PRO B 8 20.40 -6.69 19.64
CA PRO B 8 20.24 -5.57 18.69
C PRO B 8 19.91 -4.23 19.35
N THR B 9 20.02 -3.14 18.58
CA THR B 9 19.42 -1.86 18.97
C THR B 9 17.90 -1.93 18.84
N THR B 10 17.23 -0.96 19.47
CA THR B 10 15.78 -0.94 19.44
C THR B 10 15.31 0.50 19.34
N ARG B 11 14.07 0.67 18.94
CA ARG B 11 13.46 2.01 18.79
C ARG B 11 14.23 2.82 17.75
N LEU B 12 14.48 2.18 16.62
CA LEU B 12 15.01 2.70 15.34
C LEU B 12 14.60 1.72 14.24
N GLU B 13 14.82 2.06 12.97
CA GLU B 13 14.37 1.12 11.93
C GLU B 13 15.50 0.16 11.63
N GLY B 14 15.21 -1.11 11.56
CA GLY B 14 16.28 -1.99 11.09
C GLY B 14 17.10 -2.60 12.18
N HIS B 15 18.15 -3.26 11.74
CA HIS B 15 18.98 -4.14 12.56
C HIS B 15 20.41 -3.65 12.66
N SER B 16 20.76 -3.01 13.78
CA SER B 16 22.15 -2.65 14.02
C SER B 16 22.53 -3.07 15.43
N LYS B 17 23.77 -2.75 15.82
CA LYS B 17 24.29 -3.08 17.14
C LYS B 17 25.41 -2.09 17.47
N LEU B 18 25.67 -1.94 18.77
CA LEU B 18 26.70 -1.05 19.29
C LEU B 18 27.83 -1.88 19.95
N THR B 19 29.06 -1.65 19.52
CA THR B 19 30.23 -2.34 20.05
C THR B 19 31.10 -1.27 20.68
N LEU B 20 31.12 -1.22 22.02
CA LEU B 20 31.67 -0.07 22.76
C LEU B 20 32.86 -0.49 23.62
N LYS B 21 33.95 0.28 23.51
CA LYS B 21 35.08 0.28 24.44
C LYS B 21 34.85 1.37 25.49
N VAL B 22 34.89 0.98 26.77
CA VAL B 22 34.58 1.88 27.88
C VAL B 22 35.75 1.95 28.85
N ASN B 23 35.85 3.09 29.54
CA ASN B 23 36.84 3.28 30.60
C ASN B 23 36.33 2.65 31.89
N ASP B 24 37.12 2.79 32.96
CA ASP B 24 36.80 2.26 34.28
C ASP B 24 35.54 2.87 34.91
N GLN B 25 35.01 3.98 34.39
CA GLN B 25 33.74 4.53 34.87
C GLN B 25 32.55 4.14 33.99
N GLY B 26 32.76 3.34 32.94
CA GLY B 26 31.66 3.02 32.03
C GLY B 26 31.34 4.08 30.99
N ILE B 27 32.22 5.01 30.75
CA ILE B 27 32.07 6.03 29.72
C ILE B 27 32.69 5.50 28.42
N VAL B 28 32.08 5.81 27.27
CA VAL B 28 32.64 5.36 26.00
C VAL B 28 33.96 6.07 25.73
N GLU B 29 34.96 5.29 25.33
CA GLU B 29 36.24 5.81 24.84
C GLU B 29 36.26 5.85 23.32
N ARG B 30 35.78 4.78 22.71
CA ARG B 30 35.64 4.65 21.26
C ARG B 30 34.55 3.61 21.04
N GLY B 31 33.40 4.03 20.51
CA GLY B 31 32.30 3.12 20.18
C GLY B 31 32.11 3.02 18.67
N ASP B 32 31.73 1.83 18.21
CA ASP B 32 31.35 1.61 16.82
C ASP B 32 29.87 1.25 16.78
N TRP B 33 29.07 2.10 16.14
CA TRP B 33 27.71 1.77 15.73
C TRP B 33 27.76 1.28 14.28
N LEU B 34 27.34 0.03 14.06
CA LEU B 34 27.40 -0.57 12.72
C LEU B 34 26.12 -1.32 12.38
N SER B 35 25.83 -1.40 11.09
CA SER B 35 24.71 -2.17 10.55
C SER B 35 25.07 -3.64 10.53
N ILE B 36 24.09 -4.50 10.81
CA ILE B 36 24.23 -5.94 10.63
C ILE B 36 23.01 -6.45 9.86
N THR B 37 22.34 -5.54 9.11
CA THR B 37 21.25 -5.87 8.17
C THR B 37 21.83 -6.53 6.92
N PRO B 38 21.34 -7.70 6.51
CA PRO B 38 21.90 -8.33 5.31
C PRO B 38 21.73 -7.43 4.09
N VAL B 39 22.73 -7.47 3.23
CA VAL B 39 22.85 -6.56 2.08
C VAL B 39 22.05 -7.14 0.93
N ARG B 40 20.93 -6.50 0.62
CA ARG B 40 20.13 -6.91 -0.53
C ARG B 40 20.76 -6.53 -1.87
N GLY B 41 21.69 -5.57 -1.89
CA GLY B 41 22.40 -5.19 -3.10
C GLY B 41 21.59 -4.55 -4.23
N ILE B 42 20.76 -3.55 -3.90
CA ILE B 42 19.95 -2.86 -4.91
C ILE B 42 20.83 -2.31 -6.05
N GLU B 43 21.93 -1.62 -5.71
CA GLU B 43 22.76 -1.00 -6.73
C GLU B 43 23.32 -2.00 -7.73
N LYS B 44 23.67 -3.21 -7.29
CA LYS B 44 24.18 -4.22 -8.22
C LYS B 44 23.08 -4.92 -9.03
N LEU B 45 21.91 -5.17 -8.43
CA LEU B 45 20.85 -5.84 -9.18
C LEU B 45 20.24 -4.91 -10.22
N ALA B 46 20.43 -3.60 -10.05
CA ALA B 46 19.94 -2.58 -10.97
C ALA B 46 20.53 -2.71 -12.37
N ILE B 47 21.75 -3.25 -12.49
CA ILE B 47 22.50 -3.15 -13.73
C ILE B 47 21.86 -4.05 -14.80
N GLY B 48 21.46 -3.43 -15.92
CA GLY B 48 20.78 -4.10 -17.01
C GLY B 48 19.27 -3.98 -16.98
N LYS B 49 18.70 -3.57 -15.86
CA LYS B 49 17.26 -3.39 -15.77
C LYS B 49 16.82 -2.07 -16.44
N THR B 50 15.52 -1.93 -16.68
CA THR B 50 15.03 -0.74 -17.34
C THR B 50 15.05 0.44 -16.38
N MET B 51 15.14 1.64 -16.94
CA MET B 51 15.17 2.83 -16.11
C MET B 51 13.85 3.05 -15.42
N GLU B 52 12.74 2.54 -15.99
CA GLU B 52 11.45 2.59 -15.32
C GLU B 52 11.40 1.67 -14.10
N GLN B 53 12.02 0.48 -14.18
CA GLN B 53 11.83 -0.44 -13.06
C GLN B 53 12.67 -0.03 -11.84
N VAL B 54 13.88 0.47 -12.08
CA VAL B 54 14.83 0.58 -10.98
C VAL B 54 14.32 1.48 -9.87
N PRO B 55 13.64 2.60 -10.14
CA PRO B 55 13.10 3.40 -9.03
C PRO B 55 12.01 2.68 -8.24
N LYS B 56 11.21 1.82 -8.87
CA LYS B 56 10.18 1.12 -8.12
C LYS B 56 10.76 0.03 -7.21
N ILE B 57 11.92 -0.53 -7.59
CA ILE B 57 12.64 -1.50 -6.75
C ILE B 57 13.33 -0.78 -5.59
N ALA B 58 14.07 0.28 -5.91
CA ALA B 58 14.77 1.08 -4.92
C ALA B 58 13.83 1.63 -3.86
N SER B 59 12.58 1.93 -4.23
CA SER B 59 11.61 2.35 -3.23
C SER B 59 11.46 1.30 -2.15
N ARG B 60 11.52 0.04 -2.53
CA ARG B 60 11.37 -1.02 -1.55
C ARG B 60 12.62 -1.21 -0.65
N VAL B 61 13.59 -0.31 -0.77
CA VAL B 61 14.67 -0.21 0.20
C VAL B 61 14.11 0.10 1.58
N CYS B 62 13.15 1.02 1.66
CA CYS B 62 12.65 1.44 2.97
C CYS B 62 11.21 1.93 2.90
N GLY B 63 10.37 1.36 3.76
CA GLY B 63 8.98 1.71 3.79
C GLY B 63 8.60 2.88 4.64
N ILE B 64 9.54 3.44 5.42
CA ILE B 64 9.25 4.70 6.09
C ILE B 64 9.43 5.87 5.14
N CYS B 65 10.48 5.82 4.32
CA CYS B 65 10.86 6.92 3.44
C CYS B 65 10.83 6.51 1.96
N PRO B 66 9.84 5.73 1.49
CA PRO B 66 9.88 5.32 0.08
C PRO B 66 9.86 6.50 -0.89
N ILE B 67 9.19 7.61 -0.54
CA ILE B 67 9.19 8.82 -1.36
C ILE B 67 10.61 9.23 -1.73
N ALA B 68 11.53 9.22 -0.75
CA ALA B 68 12.90 9.66 -1.00
C ALA B 68 13.60 8.83 -2.07
N HIS B 69 13.44 7.50 -2.03
CA HIS B 69 14.12 6.67 -3.01
C HIS B 69 13.41 6.66 -4.36
N THR B 70 12.08 6.76 -4.38
CA THR B 70 11.38 6.88 -5.65
C THR B 70 11.81 8.15 -6.38
N LEU B 71 11.83 9.29 -5.67
CA LEU B 71 12.17 10.57 -6.27
C LEU B 71 13.66 10.68 -6.60
N ALA B 72 14.54 10.32 -5.66
CA ALA B 72 15.97 10.46 -5.96
C ALA B 72 16.36 9.56 -7.12
N SER B 73 15.78 8.37 -7.19
CA SER B 73 16.12 7.42 -8.24
C SER B 73 15.53 7.85 -9.59
N THR B 74 14.26 8.24 -9.60
CA THR B 74 13.64 8.73 -10.82
C THR B 74 14.37 9.96 -11.37
N GLU B 75 14.73 10.90 -10.48
CA GLU B 75 15.37 12.10 -10.95
C GLU B 75 16.84 11.88 -11.31
N ALA B 76 17.46 10.79 -10.84
CA ALA B 76 18.77 10.44 -11.35
C ALA B 76 18.69 9.89 -12.78
N MET B 77 17.62 9.16 -13.10
CA MET B 77 17.40 8.75 -14.48
C MET B 77 17.08 9.96 -15.36
N GLU B 78 16.26 10.87 -14.88
CA GLU B 78 15.94 12.06 -15.67
C GLU B 78 17.19 12.90 -15.93
N ALA B 79 18.09 12.97 -14.95
CA ALA B 79 19.33 13.73 -15.09
C ALA B 79 20.32 13.03 -16.02
N SER B 80 20.42 11.71 -15.96
CA SER B 80 21.33 11.00 -16.87
C SER B 80 20.88 11.15 -18.32
N ILE B 81 19.57 11.13 -18.57
CA ILE B 81 19.07 11.16 -19.94
C ILE B 81 18.75 12.58 -20.41
N GLY B 82 18.75 13.58 -19.54
CA GLY B 82 18.45 14.94 -19.96
C GLY B 82 16.97 15.19 -20.19
N CYS B 83 16.12 14.75 -19.27
CA CYS B 83 14.70 14.92 -19.38
C CYS B 83 14.26 16.01 -18.40
N GLU B 84 13.55 17.03 -18.90
CA GLU B 84 13.01 18.11 -18.08
C GLU B 84 11.51 17.87 -17.86
N ILE B 85 11.10 17.72 -16.60
CA ILE B 85 9.70 17.35 -16.34
C ILE B 85 8.82 18.60 -16.26
N PRO B 86 7.51 18.47 -16.53
CA PRO B 86 6.60 19.62 -16.48
C PRO B 86 6.45 20.22 -15.09
N THR B 87 6.11 21.50 -15.06
N THR B 87 6.10 21.51 -15.04
CA THR B 87 5.98 22.23 -13.80
CA THR B 87 6.00 22.21 -13.77
C THR B 87 4.99 21.52 -12.86
C THR B 87 4.97 21.56 -12.85
N ASP B 88 3.84 21.11 -13.38
CA ASP B 88 2.83 20.53 -12.50
C ASP B 88 3.24 19.15 -11.98
N ALA B 89 4.13 18.43 -12.67
CA ALA B 89 4.68 17.22 -12.07
C ALA B 89 5.62 17.56 -10.90
N LYS B 90 6.47 18.59 -11.05
CA LYS B 90 7.35 19.01 -9.96
C LYS B 90 6.53 19.41 -8.72
N LEU B 91 5.41 20.09 -8.93
CA LEU B 91 4.61 20.57 -7.79
C LEU B 91 4.00 19.40 -7.04
N LEU B 92 3.55 18.37 -7.75
CA LEU B 92 3.01 17.20 -7.09
C LEU B 92 4.10 16.41 -6.36
N ARG B 93 5.33 16.39 -6.90
CA ARG B 93 6.41 15.68 -6.24
C ARG B 93 6.80 16.37 -4.93
N ILE B 94 6.79 17.70 -4.92
CA ILE B 94 7.10 18.48 -3.71
C ILE B 94 6.03 18.30 -2.65
N ILE B 95 4.76 18.24 -3.06
CA ILE B 95 3.67 17.97 -2.12
C ILE B 95 3.83 16.59 -1.51
N LEU B 96 4.13 15.60 -2.35
CA LEU B 96 4.41 14.25 -1.87
C LEU B 96 5.61 14.23 -0.93
N HIS B 97 6.66 14.96 -1.29
CA HIS B 97 7.88 14.98 -0.50
C HIS B 97 7.67 15.59 0.89
N ALA B 98 6.92 16.71 0.96
CA ALA B 98 6.72 17.37 2.24
C ALA B 98 5.74 16.59 3.11
N ALA B 99 4.71 15.99 2.51
CA ALA B 99 3.80 15.16 3.30
C ALA B 99 4.58 14.04 3.98
N ASN B 100 5.47 13.39 3.23
CA ASN B 100 6.21 12.28 3.81
C ASN B 100 7.17 12.73 4.92
N ARG B 101 7.66 13.95 4.86
CA ARG B 101 8.55 14.40 5.94
C ARG B 101 7.75 14.54 7.23
N ILE B 102 6.51 14.95 7.13
CA ILE B 102 5.60 15.11 8.29
C ILE B 102 5.37 13.76 8.96
N HIS B 103 5.02 12.74 8.19
CA HIS B 103 4.73 11.40 8.76
C HIS B 103 5.99 10.78 9.34
N SER B 104 7.15 11.06 8.76
CA SER B 104 8.37 10.40 9.24
C SER B 104 8.78 11.04 10.57
N HIS B 105 8.65 12.34 10.67
CA HIS B 105 9.11 13.00 11.91
C HIS B 105 8.18 12.58 13.03
N ALA B 106 6.89 12.43 12.73
CA ALA B 106 5.91 12.05 13.75
C ALA B 106 6.14 10.64 14.23
N LEU B 107 6.35 9.71 13.29
CA LEU B 107 6.75 8.37 13.66
C LEU B 107 7.95 8.39 14.61
N HIS B 108 8.93 9.23 14.32
CA HIS B 108 10.13 9.29 15.15
C HIS B 108 9.84 9.83 16.55
N ASN B 109 8.85 10.71 16.68
CA ASN B 109 8.38 11.12 18.01
C ASN B 109 7.97 9.89 18.84
N ILE B 110 7.28 8.94 18.23
CA ILE B 110 6.86 7.73 18.92
C ILE B 110 8.07 6.96 19.44
N LEU B 111 9.17 6.96 18.67
CA LEU B 111 10.30 6.10 18.99
C LEU B 111 11.21 6.68 20.06
N ILE B 112 11.20 7.99 20.25
CA ILE B 112 12.17 8.64 21.13
C ILE B 112 11.57 9.02 22.49
N LEU B 113 10.25 9.24 22.53
CA LEU B 113 9.60 9.68 23.77
C LEU B 113 9.77 8.71 24.96
N PRO B 114 9.81 7.40 24.78
CA PRO B 114 10.07 6.51 25.93
C PRO B 114 11.37 6.79 26.69
N ASP B 115 12.29 7.54 26.10
CA ASP B 115 13.51 7.94 26.80
C ASP B 115 13.36 9.31 27.46
N PHE B 116 12.24 9.98 27.24
CA PHE B 116 12.05 11.34 27.71
C PHE B 116 11.08 11.35 28.89
N TYR B 117 11.23 12.35 29.74
CA TYR B 117 10.43 12.52 30.93
C TYR B 117 9.31 13.50 30.67
N ILE B 118 8.13 13.18 31.20
CA ILE B 118 7.06 14.15 31.38
C ILE B 118 7.65 15.30 32.17
N PRO B 119 7.63 16.52 31.64
CA PRO B 119 8.46 17.59 32.21
C PRO B 119 8.21 17.80 33.70
N GLY B 120 9.30 18.07 34.43
CA GLY B 120 9.26 18.30 35.86
C GLY B 120 9.06 17.07 36.73
N THR B 121 8.93 15.89 36.16
CA THR B 121 8.70 14.69 36.95
C THR B 121 9.85 13.72 36.74
N GLU B 122 9.63 12.50 37.23
CA GLU B 122 10.55 11.39 37.07
C GLU B 122 9.82 10.22 36.46
N LYS B 123 8.66 10.51 35.90
CA LYS B 123 7.91 9.54 35.13
C LYS B 123 8.32 9.69 33.67
N LYS B 124 8.64 8.56 33.04
CA LYS B 124 8.94 8.55 31.61
C LYS B 124 7.66 8.38 30.82
N PHE B 125 7.65 8.89 29.60
CA PHE B 125 6.48 8.74 28.76
C PHE B 125 6.24 7.29 28.45
N ASN B 126 5.02 6.84 28.69
CA ASN B 126 4.55 5.56 28.16
C ASN B 126 3.32 5.83 27.32
N LEU B 127 3.42 5.52 26.02
CA LEU B 127 2.44 5.87 25.01
C LEU B 127 1.42 4.76 24.79
N PHE B 128 1.88 3.51 24.71
CA PHE B 128 1.01 2.35 24.88
C PHE B 128 -0.14 2.63 25.87
N ALA B 129 0.21 3.12 27.06
CA ALA B 129 -0.70 3.06 28.20
C ALA B 129 -1.89 3.99 28.03
N ASN B 130 -3.07 3.47 28.37
CA ASN B 130 -4.30 4.24 28.31
C ASN B 130 -4.44 5.24 29.47
N GLU B 131 -3.39 6.02 29.72
CA GLU B 131 -3.35 7.07 30.74
C GLU B 131 -3.00 8.40 30.07
N GLN B 132 -3.28 9.50 30.76
CA GLN B 132 -2.90 10.82 30.25
C GLN B 132 -1.58 11.27 30.86
N PRO B 133 -0.87 12.21 30.21
CA PRO B 133 -1.28 12.82 28.94
C PRO B 133 -0.87 11.97 27.71
N ALA B 134 -0.07 10.93 27.95
CA ALA B 134 0.42 10.04 26.91
C ALA B 134 -0.66 9.73 25.86
N ARG B 135 -1.89 9.54 26.30
CA ARG B 135 -2.88 9.04 25.36
C ARG B 135 -3.38 10.15 24.44
N SER B 136 -3.55 11.38 24.95
CA SER B 136 -3.97 12.43 24.03
C SER B 136 -2.82 12.87 23.13
N VAL B 137 -1.56 12.67 23.56
CA VAL B 137 -0.42 12.90 22.69
C VAL B 137 -0.37 11.86 21.58
N MET B 138 -0.60 10.59 21.90
CA MET B 138 -0.64 9.59 20.84
C MET B 138 -1.73 9.90 19.83
N ALA B 139 -2.84 10.48 20.28
CA ALA B 139 -3.96 10.76 19.38
C ALA B 139 -3.60 11.85 18.37
N ARG B 140 -2.93 12.91 18.84
CA ARG B 140 -2.45 13.96 17.95
C ARG B 140 -1.50 13.38 16.89
N ILE B 141 -0.50 12.63 17.35
CA ILE B 141 0.45 11.98 16.44
C ILE B 141 -0.26 11.11 15.42
N VAL B 142 -1.25 10.33 15.86
CA VAL B 142 -1.92 9.40 14.96
C VAL B 142 -2.66 10.16 13.85
N ARG B 143 -3.23 11.32 14.18
CA ARG B 143 -3.95 12.08 13.18
C ARG B 143 -2.99 12.83 12.25
N ILE B 144 -1.85 13.29 12.78
CA ILE B 144 -0.82 13.88 11.93
C ILE B 144 -0.35 12.89 10.87
N ARG B 145 0.13 11.73 11.32
CA ARG B 145 0.56 10.67 10.39
C ARG B 145 -0.54 10.33 9.38
N GLU B 146 -1.80 10.32 9.83
CA GLU B 146 -2.90 9.93 8.95
C GLU B 146 -3.15 10.99 7.89
N ILE B 147 -3.23 12.26 8.29
CA ILE B 147 -3.24 13.33 7.31
C ILE B 147 -2.05 13.17 6.35
N ALA B 148 -0.84 13.01 6.89
CA ALA B 148 0.34 12.96 6.04
C ALA B 148 0.25 11.84 5.02
N GLN B 149 -0.19 10.65 5.45
CA GLN B 149 -0.23 9.49 4.56
C GLN B 149 -1.35 9.65 3.54
N THR B 150 -2.40 10.39 3.89
CA THR B 150 -3.49 10.59 2.94
C THR B 150 -3.07 11.55 1.83
N ILE B 151 -2.46 12.68 2.20
CA ILE B 151 -1.91 13.59 1.19
C ILE B 151 -0.92 12.87 0.28
N ALA B 152 -0.11 11.99 0.84
CA ALA B 152 0.88 11.28 0.05
C ALA B 152 0.23 10.38 -0.97
N ALA B 153 -0.83 9.68 -0.55
CA ALA B 153 -1.52 8.79 -1.46
C ALA B 153 -2.24 9.57 -2.56
N ILE B 154 -2.68 10.79 -2.26
CA ILE B 154 -3.44 11.53 -3.26
C ILE B 154 -2.52 12.11 -4.32
N ALA B 155 -1.48 12.81 -3.90
CA ALA B 155 -0.53 13.35 -4.85
C ALA B 155 0.42 12.29 -5.36
N GLY B 156 0.62 11.19 -4.63
CA GLY B 156 1.65 10.22 -5.01
C GLY B 156 1.18 8.83 -5.43
N GLY B 157 -0.12 8.57 -5.37
CA GLY B 157 -0.71 7.30 -5.76
C GLY B 157 -0.70 6.25 -4.68
N GLU B 158 0.25 6.33 -3.74
CA GLU B 158 0.39 5.34 -2.70
C GLU B 158 1.23 5.96 -1.61
N ALA B 159 0.86 5.72 -0.34
CA ALA B 159 1.59 6.37 0.73
C ALA B 159 2.90 5.65 0.99
N ILE B 160 2.89 4.34 0.82
CA ILE B 160 4.08 3.51 0.93
C ILE B 160 4.34 2.95 -0.47
N HIS B 161 5.45 3.35 -1.06
CA HIS B 161 5.86 2.98 -2.41
C HIS B 161 4.99 3.70 -3.43
N PRO B 162 5.13 5.02 -3.53
CA PRO B 162 4.25 5.80 -4.43
C PRO B 162 4.34 5.28 -5.87
N SER B 163 3.17 5.12 -6.47
CA SER B 163 3.02 4.62 -7.83
C SER B 163 3.02 5.72 -8.88
N ASN B 164 2.68 6.93 -8.50
CA ASN B 164 2.47 7.99 -9.49
C ASN B 164 3.75 8.47 -10.16
N PRO B 165 4.89 8.56 -9.48
CA PRO B 165 6.11 9.02 -10.18
C PRO B 165 6.49 8.09 -11.34
N ARG B 166 7.02 8.67 -12.41
CA ARG B 166 7.55 7.90 -13.52
C ARG B 166 8.61 8.74 -14.23
N ILE B 167 9.48 8.09 -15.01
CA ILE B 167 10.44 8.86 -15.81
C ILE B 167 9.68 9.88 -16.66
N GLY B 168 9.99 11.16 -16.50
CA GLY B 168 9.31 12.20 -17.25
C GLY B 168 8.20 12.95 -16.52
N GLY B 169 7.89 12.57 -15.27
CA GLY B 169 6.85 13.23 -14.48
C GLY B 169 6.01 12.33 -13.58
N MET B 170 4.69 12.34 -13.80
CA MET B 170 3.73 11.54 -13.02
C MET B 170 2.79 10.82 -13.96
N TYR B 171 2.17 9.75 -13.45
CA TYR B 171 1.12 9.08 -14.22
C TYR B 171 -0.13 9.93 -14.28
N HIS B 172 -0.48 10.59 -13.17
CA HIS B 172 -1.74 11.30 -13.02
C HIS B 172 -1.51 12.69 -12.43
N ASN B 173 -2.25 13.67 -12.97
CA ASN B 173 -2.62 14.86 -12.22
C ASN B 173 -3.84 14.53 -11.35
N VAL B 174 -4.20 15.45 -10.48
CA VAL B 174 -5.30 15.22 -9.55
C VAL B 174 -6.48 16.09 -9.94
N SER B 175 -7.67 15.68 -9.51
CA SER B 175 -8.91 16.39 -9.81
C SER B 175 -9.07 17.65 -8.96
N PRO B 176 -9.94 18.58 -9.40
CA PRO B 176 -10.25 19.73 -8.53
C PRO B 176 -10.63 19.33 -7.12
N ARG B 177 -11.38 18.23 -6.97
CA ARG B 177 -11.77 17.83 -5.62
C ARG B 177 -10.56 17.36 -4.82
N ALA B 178 -9.68 16.55 -5.44
CA ALA B 178 -8.44 16.11 -4.79
C ALA B 178 -7.63 17.28 -4.25
N LYS B 179 -7.49 18.34 -5.05
CA LYS B 179 -6.74 19.51 -4.62
C LYS B 179 -7.42 20.21 -3.43
N GLN B 180 -8.74 20.40 -3.50
CA GLN B 180 -9.44 20.95 -2.33
C GLN B 180 -9.17 20.09 -1.09
N LYS B 181 -9.23 18.76 -1.24
CA LYS B 181 -9.09 17.86 -0.12
C LYS B 181 -7.68 17.93 0.49
N MET B 182 -6.63 17.91 -0.34
CA MET B 182 -5.28 18.09 0.21
C MET B 182 -5.14 19.43 0.92
N ALA B 183 -5.72 20.49 0.36
CA ALA B 183 -5.69 21.78 1.06
C ALA B 183 -6.39 21.67 2.42
N ASP B 184 -7.57 21.04 2.47
CA ASP B 184 -8.30 20.93 3.73
C ASP B 184 -7.49 20.18 4.78
N LEU B 185 -6.89 19.05 4.38
CA LEU B 185 -6.06 18.25 5.28
C LEU B 185 -4.81 19.01 5.75
N ALA B 186 -4.20 19.82 4.87
CA ALA B 186 -3.00 20.53 5.30
C ALA B 186 -3.34 21.70 6.22
N LYS B 187 -4.57 22.23 6.16
CA LYS B 187 -4.99 23.25 7.11
C LYS B 187 -5.14 22.66 8.50
N GLU B 188 -5.84 21.52 8.59
CA GLU B 188 -5.93 20.79 9.85
C GLU B 188 -4.54 20.39 10.35
N CYS B 189 -3.64 20.00 9.44
CA CYS B 189 -2.36 19.46 9.87
C CYS B 189 -1.45 20.55 10.43
N LEU B 190 -1.55 21.78 9.90
CA LEU B 190 -0.68 22.86 10.32
C LEU B 190 -0.91 23.20 11.80
N VAL B 191 -2.17 23.24 12.21
CA VAL B 191 -2.52 23.46 13.62
C VAL B 191 -1.90 22.37 14.49
N LEU B 192 -2.02 21.12 14.04
CA LEU B 192 -1.61 19.98 14.86
C LEU B 192 -0.10 19.93 15.02
N VAL B 193 0.64 20.19 13.93
CA VAL B 193 2.07 20.02 14.00
C VAL B 193 2.68 21.16 14.78
N HIS B 194 2.04 22.34 14.78
CA HIS B 194 2.47 23.43 15.66
C HIS B 194 2.34 23.03 17.12
N GLU B 195 1.17 22.47 17.50
CA GLU B 195 0.95 21.90 18.83
C GLU B 195 2.00 20.85 19.17
N GLN B 196 2.21 19.89 18.27
CA GLN B 196 3.15 18.81 18.55
C GLN B 196 4.56 19.34 18.65
N MET B 197 4.90 20.29 17.80
CA MET B 197 6.24 20.90 17.78
C MET B 197 6.50 21.54 19.14
N GLU B 198 5.56 22.35 19.61
CA GLU B 198 5.72 23.03 20.92
C GLU B 198 5.82 21.99 22.03
N PHE B 199 4.99 20.96 21.97
CA PHE B 199 5.03 19.90 22.99
C PHE B 199 6.41 19.27 23.00
N MET B 200 6.90 18.82 21.85
CA MET B 200 8.22 18.13 21.84
C MET B 200 9.34 19.09 22.25
N LEU B 201 9.27 20.35 21.87
CA LEU B 201 10.38 21.27 22.22
C LEU B 201 10.43 21.43 23.73
N ASP B 202 9.29 21.41 24.39
CA ASP B 202 9.29 21.58 25.86
C ASP B 202 9.88 20.32 26.49
N VAL B 203 9.49 19.16 26.03
CA VAL B 203 10.04 17.89 26.57
C VAL B 203 11.56 17.89 26.41
N ILE B 204 12.08 18.29 25.27
CA ILE B 204 13.56 18.30 25.05
C ILE B 204 14.22 19.33 25.96
N ARG B 205 13.62 20.49 26.11
CA ARG B 205 14.17 21.55 26.99
C ARG B 205 14.26 21.00 28.41
N ASN B 206 13.25 20.28 28.87
CA ASN B 206 13.27 19.65 30.21
C ASN B 206 14.41 18.63 30.28
N MET B 207 14.66 17.88 29.21
CA MET B 207 15.78 16.92 29.23
C MET B 207 17.11 17.68 29.34
N GLN B 208 17.24 18.82 28.67
CA GLN B 208 18.52 19.55 28.72
C GLN B 208 18.77 20.06 30.14
N ASN B 209 17.74 20.08 30.96
CA ASN B 209 17.89 20.58 32.33
C ASN B 209 17.97 19.48 33.37
N ARG B 210 18.03 18.22 32.94
CA ARG B 210 18.22 17.11 33.86
C ARG B 210 19.70 16.82 34.04
N GLU B 211 20.03 16.20 35.18
CA GLU B 211 21.40 15.79 35.44
C GLU B 211 21.61 14.30 35.24
N PHE B 212 20.54 13.52 35.24
CA PHE B 212 20.64 12.07 35.11
C PHE B 212 19.35 11.58 34.45
N VAL B 213 19.39 10.34 33.97
CA VAL B 213 18.19 9.61 33.58
C VAL B 213 18.30 8.22 34.18
N GLU B 214 17.18 7.52 34.21
CA GLU B 214 17.09 6.19 34.80
C GLU B 214 17.03 5.13 33.70
N VAL B 215 17.95 4.18 33.73
CA VAL B 215 18.06 3.12 32.73
C VAL B 215 18.10 1.79 33.47
N GLY B 216 17.04 0.99 33.34
CA GLY B 216 16.98 -0.30 34.00
C GLY B 216 17.38 -0.27 35.48
N GLY B 217 16.74 0.59 36.25
CA GLY B 217 17.02 0.71 37.68
C GLY B 217 17.99 1.78 38.13
N LYS B 218 19.09 1.97 37.41
CA LYS B 218 20.17 2.85 37.88
C LYS B 218 19.98 4.28 37.40
N GLN B 219 20.56 5.21 38.16
CA GLN B 219 20.76 6.56 37.64
C GLN B 219 21.95 6.56 36.68
N ILE B 220 21.77 7.16 35.52
CA ILE B 220 22.82 7.34 34.52
C ILE B 220 23.02 8.84 34.37
N PRO B 221 24.21 9.37 34.67
CA PRO B 221 24.44 10.80 34.48
C PRO B 221 24.33 11.22 33.00
N LEU B 222 23.81 12.44 32.79
CA LEU B 222 23.56 13.02 31.47
C LEU B 222 24.65 14.04 31.17
N PRO B 223 25.65 13.70 30.35
CA PRO B 223 26.74 14.65 30.09
C PRO B 223 26.21 15.91 29.42
N LYS B 224 26.93 17.00 29.62
CA LYS B 224 26.55 18.28 29.02
C LYS B 224 26.74 18.25 27.51
N LYS B 225 27.91 17.82 27.05
CA LYS B 225 28.19 17.70 25.61
C LYS B 225 27.84 16.31 25.11
N LEU B 226 26.63 15.85 25.40
CA LEU B 226 26.21 14.52 24.98
C LEU B 226 26.07 14.47 23.46
N GLY B 227 26.77 13.52 22.83
CA GLY B 227 26.65 13.31 21.41
C GLY B 227 27.39 14.31 20.53
N TYR B 228 28.34 15.08 21.08
CA TYR B 228 29.15 16.01 20.30
C TYR B 228 30.11 15.27 19.38
N HIS B 229 30.38 15.85 18.22
CA HIS B 229 31.41 15.35 17.31
C HIS B 229 31.98 16.53 16.53
N ASN B 230 33.05 16.29 15.78
CA ASN B 230 33.72 17.34 15.02
C ASN B 230 33.68 17.10 13.51
N GLN B 231 32.70 16.33 13.04
CA GLN B 231 32.66 15.96 11.62
C GLN B 231 32.02 17.03 10.73
N GLY B 232 31.29 17.98 11.31
CA GLY B 232 30.57 18.95 10.50
C GLY B 232 29.31 18.34 9.90
N VAL B 233 28.74 19.06 8.92
CA VAL B 233 27.45 18.71 8.32
C VAL B 233 27.46 18.88 6.79
N MET B 234 26.51 18.22 6.13
CA MET B 234 26.33 18.29 4.69
C MET B 234 24.83 18.24 4.38
N ALA B 235 24.35 19.20 3.59
CA ALA B 235 22.94 19.32 3.20
C ALA B 235 22.86 19.98 1.83
N THR B 236 21.85 19.61 1.04
CA THR B 236 21.69 20.14 -0.31
C THR B 236 20.49 21.08 -0.47
N ALA B 237 19.51 21.05 0.42
CA ALA B 237 18.39 21.97 0.35
C ALA B 237 17.71 21.97 1.71
N PRO B 238 17.00 23.06 2.05
CA PRO B 238 16.21 23.06 3.30
C PRO B 238 14.97 22.20 3.20
N MET B 239 14.42 22.03 1.99
CA MET B 239 13.23 21.22 1.78
C MET B 239 13.49 20.07 0.81
N TYR B 240 13.58 20.33 -0.51
CA TYR B 240 13.45 19.28 -1.52
C TYR B 240 14.77 18.62 -1.94
N GLY B 241 15.67 19.36 -2.57
CA GLY B 241 16.83 18.69 -3.14
C GLY B 241 17.42 19.47 -4.30
N SER B 242 18.14 18.74 -5.17
CA SER B 242 18.98 19.30 -6.22
C SER B 242 19.40 18.15 -7.14
N SER B 243 19.61 18.47 -8.42
CA SER B 243 20.09 17.44 -9.35
C SER B 243 21.14 18.02 -10.30
N SER B 244 21.85 17.12 -10.99
CA SER B 244 22.84 17.57 -11.98
C SER B 244 22.21 18.28 -13.20
N LEU B 245 20.89 18.28 -13.36
CA LEU B 245 20.23 19.16 -14.33
C LEU B 245 20.21 20.62 -13.92
N ASP B 246 20.55 20.96 -12.67
CA ASP B 246 20.37 22.32 -12.21
C ASP B 246 21.48 23.23 -12.73
N ASP B 247 21.13 24.51 -12.92
CA ASP B 247 22.13 25.48 -13.35
C ASP B 247 23.27 25.56 -12.35
N ASN B 248 22.95 25.51 -11.05
CA ASN B 248 23.95 25.49 -9.99
C ASN B 248 23.61 24.40 -8.98
N PRO B 249 24.07 23.18 -9.20
CA PRO B 249 23.81 22.11 -8.24
C PRO B 249 24.39 22.45 -6.87
N THR B 250 23.69 22.04 -5.82
CA THR B 250 24.10 22.28 -4.44
C THR B 250 24.80 21.09 -3.81
N TRP B 251 25.28 20.17 -4.62
CA TRP B 251 26.09 19.08 -4.15
C TRP B 251 27.20 18.93 -5.16
N ASP B 252 28.36 18.59 -4.66
CA ASP B 252 29.58 18.50 -5.48
C ASP B 252 30.04 17.06 -5.42
N PHE B 253 29.96 16.32 -6.52
CA PHE B 253 30.33 14.89 -6.54
C PHE B 253 31.84 14.68 -6.52
N THR B 254 32.59 15.74 -6.82
CA THR B 254 34.06 15.77 -6.77
C THR B 254 34.55 15.75 -5.31
N ARG B 255 33.72 16.08 -4.34
CA ARG B 255 34.15 16.07 -2.93
C ARG B 255 33.75 14.75 -2.26
N TRP B 256 33.20 13.81 -3.01
CA TRP B 256 32.75 12.56 -2.37
C TRP B 256 33.66 11.39 -2.72
N LYS B 257 33.85 10.48 -1.77
CA LYS B 257 34.57 9.23 -1.98
C LYS B 257 34.06 8.22 -0.96
N GLU B 258 33.55 7.09 -1.43
CA GLU B 258 33.09 6.05 -0.53
C GLU B 258 34.21 5.04 -0.35
N THR B 259 34.50 4.73 0.90
CA THR B 259 35.52 3.73 1.28
C THR B 259 34.82 2.55 1.95
N ARG B 260 35.59 1.63 2.47
CA ARG B 260 35.00 0.47 3.17
C ARG B 260 35.12 0.72 4.68
N PRO B 261 34.30 0.07 5.51
CA PRO B 261 34.34 0.29 6.94
C PRO B 261 35.76 0.19 7.46
N TRP B 262 36.57 -0.52 6.71
CA TRP B 262 38.00 -0.80 6.96
C TRP B 262 38.73 0.43 7.49
N ASP B 263 38.62 1.56 6.83
CA ASP B 263 39.37 2.79 7.18
C ASP B 263 38.86 3.45 8.47
N TRP B 264 37.59 3.24 8.84
CA TRP B 264 37.07 3.99 10.01
C TRP B 264 36.63 3.13 11.18
N TYR B 265 36.35 1.86 10.99
CA TYR B 265 35.84 1.07 12.14
C TYR B 265 36.95 0.29 12.83
N MET B 266 36.65 -0.20 14.03
CA MET B 266 37.56 -1.01 14.83
C MET B 266 37.71 -2.42 14.28
N GLY B 267 38.88 -2.99 14.53
CA GLY B 267 39.12 -4.39 14.22
C GLY B 267 38.56 -5.31 15.28
N GLU B 268 39.07 -6.54 15.30
CA GLU B 268 38.51 -7.57 16.17
C GLU B 268 38.70 -7.22 17.66
N VAL B 269 37.69 -7.53 18.46
CA VAL B 269 37.73 -7.35 19.91
C VAL B 269 36.89 -8.46 20.56
N THR B 270 37.03 -8.60 21.88
CA THR B 270 36.28 -9.62 22.62
C THR B 270 35.57 -8.95 23.78
N ILE B 271 34.30 -9.31 23.96
CA ILE B 271 33.43 -8.64 24.92
C ILE B 271 33.79 -9.13 26.33
N ASP B 272 34.35 -8.23 27.16
CA ASP B 272 34.73 -8.59 28.54
C ASP B 272 33.89 -7.84 29.58
N LEU B 273 32.74 -7.30 29.18
CA LEU B 273 31.82 -6.67 30.12
C LEU B 273 30.39 -6.95 29.66
N GLU B 274 29.53 -7.31 30.60
CA GLU B 274 28.18 -7.73 30.27
C GLU B 274 27.23 -7.23 31.36
N ASP B 275 25.97 -7.07 30.99
CA ASP B 275 24.94 -6.61 31.94
C ASP B 275 23.62 -7.26 31.54
N PRO B 276 23.21 -8.33 32.23
CA PRO B 276 21.94 -8.99 31.91
C PRO B 276 20.70 -8.17 32.24
N SER B 277 20.85 -7.08 32.98
CA SER B 277 19.72 -6.26 33.43
C SER B 277 19.33 -5.16 32.46
N TYR B 278 20.16 -4.87 31.43
CA TYR B 278 19.85 -3.86 30.43
C TYR B 278 18.50 -4.15 29.78
N PRO B 279 17.56 -3.21 29.80
CA PRO B 279 16.17 -3.48 29.37
C PRO B 279 16.10 -3.66 27.86
N ILE B 280 15.64 -4.84 27.40
CA ILE B 280 15.07 -5.92 28.20
C ILE B 280 15.63 -7.25 27.70
N GLY B 281 16.72 -7.71 28.31
CA GLY B 281 17.37 -8.96 27.90
C GLY B 281 18.88 -8.90 27.97
N GLY B 282 19.43 -7.78 28.46
CA GLY B 282 20.87 -7.65 28.63
C GLY B 282 21.64 -7.55 27.32
N THR B 283 22.97 -7.56 27.48
CA THR B 283 23.92 -7.29 26.43
C THR B 283 24.56 -8.59 25.95
N THR B 284 25.61 -8.47 25.12
CA THR B 284 26.25 -9.65 24.54
C THR B 284 27.05 -10.39 25.60
N LYS B 285 26.93 -11.73 25.62
CA LYS B 285 27.63 -12.57 26.59
C LYS B 285 29.13 -12.32 26.55
N VAL B 286 29.76 -12.36 27.73
CA VAL B 286 31.21 -12.22 27.78
C VAL B 286 31.86 -13.35 27.00
N GLY B 287 32.99 -13.05 26.37
CA GLY B 287 33.69 -13.98 25.53
C GLY B 287 33.33 -13.94 24.05
N THR B 288 32.20 -13.31 23.69
CA THR B 288 31.86 -13.18 22.28
C THR B 288 32.91 -12.34 21.56
N LYS B 289 33.23 -12.76 20.34
CA LYS B 289 34.15 -12.00 19.48
C LYS B 289 33.35 -11.08 18.56
N ALA B 290 33.93 -9.92 18.27
CA ALA B 290 33.29 -8.95 17.38
C ALA B 290 34.34 -8.27 16.52
N ASN B 291 33.94 -7.92 15.30
CA ASN B 291 34.86 -7.28 14.34
C ASN B 291 34.08 -6.27 13.51
N PRO B 292 33.99 -5.02 13.98
CA PRO B 292 33.17 -4.03 13.24
C PRO B 292 33.64 -3.79 11.82
N GLN B 293 34.94 -3.80 11.56
CA GLN B 293 35.42 -3.68 10.19
C GLN B 293 34.82 -4.74 9.28
N MET B 294 34.55 -5.93 9.80
CA MET B 294 34.12 -7.03 8.95
C MET B 294 32.65 -7.37 9.11
N GLU B 295 32.03 -6.98 10.23
CA GLU B 295 30.62 -7.23 10.45
C GLU B 295 29.73 -6.10 9.94
N SER B 296 30.27 -4.89 9.88
CA SER B 296 29.52 -3.76 9.33
C SER B 296 29.04 -4.05 7.92
N CYS B 297 27.76 -3.83 7.69
CA CYS B 297 27.17 -4.11 6.39
C CYS B 297 27.11 -2.90 5.44
N THR B 298 27.62 -1.72 5.82
CA THR B 298 27.57 -0.59 4.91
C THR B 298 28.96 -0.19 4.45
N GLY B 299 29.00 0.59 3.34
CA GLY B 299 30.17 1.36 2.99
C GLY B 299 30.17 2.69 3.69
N VAL B 300 31.34 3.35 3.73
CA VAL B 300 31.48 4.63 4.43
C VAL B 300 31.68 5.75 3.43
N PRO B 301 30.63 6.48 3.07
CA PRO B 301 30.83 7.68 2.25
C PRO B 301 31.42 8.83 3.05
N THR B 302 32.26 9.62 2.37
CA THR B 302 32.95 10.75 2.97
C THR B 302 32.77 11.99 2.09
N TYR B 303 32.96 13.15 2.72
CA TYR B 303 32.96 14.45 2.05
C TYR B 303 34.22 15.17 2.49
N ASP B 304 35.06 15.55 1.53
CA ASP B 304 36.42 16.05 1.79
C ASP B 304 37.22 15.09 2.67
N GLY B 305 37.06 13.78 2.42
CA GLY B 305 37.82 12.72 3.06
C GLY B 305 37.38 12.33 4.47
N GLN B 306 36.27 12.86 4.96
CA GLN B 306 35.81 12.67 6.33
C GLN B 306 34.33 12.35 6.36
N PRO B 307 33.89 11.51 7.28
CA PRO B 307 32.44 11.33 7.49
C PRO B 307 31.78 12.63 7.93
N VAL B 308 30.48 12.74 7.66
CA VAL B 308 29.69 13.93 7.98
C VAL B 308 28.33 13.54 8.56
N GLU B 309 27.73 14.48 9.28
CA GLU B 309 26.36 14.36 9.73
C GLU B 309 25.42 14.93 8.67
N VAL B 310 24.30 14.23 8.43
CA VAL B 310 23.24 14.71 7.56
C VAL B 310 21.93 14.67 8.35
N GLY B 311 20.92 15.35 7.82
CA GLY B 311 19.61 15.34 8.43
C GLY B 311 19.14 16.73 8.80
N PRO B 312 18.06 16.81 9.59
CA PRO B 312 17.48 18.12 9.93
C PRO B 312 18.45 19.13 10.57
N ARG B 313 19.42 18.70 11.39
CA ARG B 313 20.37 19.69 11.91
C ARG B 313 21.35 20.10 10.83
N ALA B 314 21.76 19.14 10.01
CA ALA B 314 22.60 19.43 8.86
C ALA B 314 21.97 20.52 7.99
N ARG B 315 20.64 20.44 7.79
CA ARG B 315 19.94 21.39 6.94
C ARG B 315 19.90 22.79 7.56
N LEU B 316 19.60 22.87 8.87
CA LEU B 316 19.45 24.17 9.53
C LEU B 316 20.78 24.84 9.74
N ALA B 317 21.83 24.06 10.02
CA ALA B 317 23.17 24.62 10.07
C ALA B 317 23.61 25.14 8.71
N THR B 318 23.41 24.35 7.64
CA THR B 318 23.80 24.80 6.31
C THR B 318 23.02 26.05 5.89
N PHE B 319 21.71 26.05 6.04
CA PHE B 319 20.90 27.15 5.46
C PHE B 319 20.49 28.26 6.43
N LYS B 320 20.62 28.10 7.74
CA LYS B 320 20.24 29.21 8.65
C LYS B 320 21.36 29.45 9.67
N ASN B 321 22.42 28.67 9.58
CA ASN B 321 23.59 28.77 10.48
C ASN B 321 23.23 28.36 11.91
N PHE B 322 22.19 27.56 12.07
CA PHE B 322 21.88 26.90 13.35
C PHE B 322 23.15 26.43 14.05
N ASP B 323 23.33 26.87 15.29
CA ASP B 323 24.63 26.82 15.95
C ASP B 323 24.62 26.05 17.27
N GLU B 324 23.77 25.02 17.39
CA GLU B 324 23.88 24.05 18.47
C GLU B 324 24.15 22.67 17.86
N LYS B 325 24.86 21.84 18.62
CA LYS B 325 25.31 20.53 18.17
C LYS B 325 25.02 19.47 19.22
N GLY B 326 24.94 18.22 18.76
CA GLY B 326 24.78 17.07 19.65
C GLY B 326 23.33 16.57 19.73
N THR B 327 23.16 15.60 20.63
CA THR B 327 21.91 14.85 20.73
C THR B 327 20.69 15.77 20.84
N PHE B 328 20.69 16.68 21.80
CA PHE B 328 19.46 17.44 21.98
C PHE B 328 19.28 18.48 20.88
N ALA B 329 20.37 19.04 20.38
CA ALA B 329 20.32 19.88 19.19
C ALA B 329 19.67 19.15 18.01
N GLN B 330 20.07 17.90 17.77
CA GLN B 330 19.47 17.16 16.66
C GLN B 330 17.96 17.00 16.83
N HIS B 331 17.51 16.69 18.05
CA HIS B 331 16.08 16.57 18.31
C HIS B 331 15.37 17.90 18.05
N ILE B 332 15.96 19.00 18.50
CA ILE B 332 15.35 20.31 18.33
C ILE B 332 15.21 20.63 16.85
N ALA B 333 16.30 20.48 16.10
CA ALA B 333 16.27 20.83 14.70
C ALA B 333 15.17 20.05 13.99
N ARG B 334 15.00 18.78 14.35
CA ARG B 334 14.04 17.96 13.64
C ARG B 334 12.61 18.46 13.87
N GLN B 335 12.30 18.86 15.10
CA GLN B 335 10.96 19.35 15.37
C GLN B 335 10.68 20.68 14.70
N MET B 336 11.71 21.53 14.58
CA MET B 336 11.51 22.82 13.96
C MET B 336 11.11 22.72 12.49
N GLU B 337 11.37 21.59 11.82
CA GLU B 337 10.97 21.37 10.44
C GLU B 337 9.48 21.08 10.25
N TYR B 338 8.68 20.89 11.31
CA TYR B 338 7.26 20.60 11.15
C TYR B 338 6.51 21.65 10.33
N PRO B 339 6.53 22.94 10.68
CA PRO B 339 5.64 23.87 9.96
C PRO B 339 6.00 24.04 8.48
N ASP B 340 7.29 24.15 8.11
CA ASP B 340 7.65 24.29 6.70
C ASP B 340 6.92 23.26 5.83
N CYS B 341 6.82 22.02 6.29
CA CYS B 341 6.16 20.99 5.50
C CYS B 341 4.75 21.42 5.10
N CYS B 342 3.96 21.97 6.04
CA CYS B 342 2.58 22.29 5.71
C CYS B 342 2.45 23.60 4.93
N TYR B 343 3.29 24.59 5.22
CA TYR B 343 3.31 25.81 4.41
C TYR B 343 3.68 25.50 2.95
N THR B 344 4.68 24.64 2.74
CA THR B 344 5.04 24.19 1.39
C THR B 344 3.85 23.55 0.66
N ILE B 345 3.25 22.53 1.27
CA ILE B 345 2.08 21.87 0.68
C ILE B 345 1.05 22.90 0.23
N LEU B 346 0.71 23.86 1.09
CA LEU B 346 -0.34 24.82 0.76
C LEU B 346 0.09 25.76 -0.37
N ASN B 347 1.33 26.26 -0.31
N ASN B 347 1.33 26.27 -0.31
CA ASN B 347 1.85 27.05 -1.42
CA ASN B 347 1.83 27.06 -1.43
C ASN B 347 1.81 26.25 -2.73
C ASN B 347 1.81 26.25 -2.73
N CYS B 348 2.24 24.99 -2.68
CA CYS B 348 2.25 24.17 -3.90
C CYS B 348 0.84 23.93 -4.45
N LEU B 349 -0.11 23.52 -3.59
CA LEU B 349 -1.49 23.38 -4.04
C LEU B 349 -1.98 24.66 -4.73
N ASP B 350 -1.66 25.82 -4.15
CA ASP B 350 -2.11 27.09 -4.69
C ASP B 350 -1.60 27.35 -6.11
N ASN B 351 -0.41 26.87 -6.46
CA ASN B 351 0.15 27.05 -7.79
C ASN B 351 -0.18 25.91 -8.74
N LEU B 352 -0.65 24.78 -8.22
CA LEU B 352 -0.92 23.62 -9.04
C LEU B 352 -2.08 23.88 -9.98
N ASN B 353 -1.92 23.47 -11.21
CA ASN B 353 -2.99 23.55 -12.18
C ASN B 353 -3.39 22.12 -12.46
N THR B 354 -4.57 21.74 -11.97
CA THR B 354 -5.07 20.37 -12.11
C THR B 354 -5.36 19.98 -13.55
N SER B 355 -5.48 20.96 -14.45
CA SER B 355 -5.56 20.66 -15.88
C SER B 355 -4.20 20.59 -16.56
N GLY B 356 -3.11 20.90 -15.85
CA GLY B 356 -1.82 20.98 -16.48
C GLY B 356 -1.21 19.61 -16.79
N LYS B 357 -0.23 19.65 -17.67
CA LYS B 357 0.51 18.47 -18.10
C LYS B 357 1.43 17.92 -17.00
N VAL B 358 1.51 16.58 -16.91
CA VAL B 358 2.36 15.90 -15.93
C VAL B 358 3.40 14.99 -16.58
N LEU B 359 3.40 14.82 -17.90
CA LEU B 359 4.37 13.98 -18.60
C LEU B 359 5.11 14.79 -19.64
N ALA B 360 6.44 14.76 -19.59
CA ALA B 360 7.23 15.41 -20.62
C ALA B 360 6.89 14.82 -21.99
N ASP B 361 6.79 15.69 -23.02
CA ASP B 361 6.41 15.22 -24.36
C ASP B 361 7.45 14.26 -24.94
N HIS B 362 8.71 14.43 -24.59
CA HIS B 362 9.75 13.53 -25.09
C HIS B 362 10.58 13.00 -23.95
N ILE B 363 10.77 11.68 -23.93
CA ILE B 363 11.64 11.02 -22.97
C ILE B 363 12.82 10.44 -23.75
N PRO B 364 14.00 11.02 -23.62
CA PRO B 364 15.17 10.44 -24.31
C PRO B 364 15.61 9.17 -23.61
N GLN B 365 16.28 8.31 -24.40
CA GLN B 365 16.67 6.98 -23.95
C GLN B 365 18.08 6.92 -23.34
N GLY B 366 18.86 7.99 -23.46
CA GLY B 366 20.13 8.05 -22.77
C GLY B 366 21.28 7.58 -23.62
N ASP B 367 22.46 8.19 -23.47
CA ASP B 367 23.67 7.80 -24.19
C ASP B 367 24.80 7.31 -23.30
N GLY B 368 24.54 6.97 -22.04
CA GLY B 368 25.60 6.54 -21.14
C GLY B 368 26.24 7.61 -20.27
N SER B 369 25.72 8.84 -20.30
CA SER B 369 26.22 9.93 -19.48
C SER B 369 25.82 9.77 -18.03
N MET B 370 26.64 10.30 -17.13
CA MET B 370 26.34 10.23 -15.72
C MET B 370 25.43 11.39 -15.30
N GLY B 371 24.37 11.06 -14.56
CA GLY B 371 23.55 12.05 -13.90
C GLY B 371 23.41 11.69 -12.43
N TRP B 372 23.05 12.69 -11.63
CA TRP B 372 22.78 12.43 -10.22
C TRP B 372 21.62 13.28 -9.74
N ALA B 373 20.99 12.83 -8.64
CA ALA B 373 19.93 13.59 -8.00
C ALA B 373 20.06 13.42 -6.50
N ALA B 374 19.92 14.53 -5.78
CA ALA B 374 19.87 14.55 -4.32
C ALA B 374 18.44 14.85 -3.85
N ASN B 375 17.92 14.01 -2.97
CA ASN B 375 16.66 14.25 -2.27
C ASN B 375 17.00 14.46 -0.79
N GLU B 376 16.52 15.57 -0.22
CA GLU B 376 16.68 15.77 1.22
C GLU B 376 15.60 14.99 1.95
N ALA B 377 15.89 13.69 2.13
CA ALA B 377 14.98 12.76 2.81
C ALA B 377 14.84 13.15 4.28
N PRO B 378 13.85 12.64 5.00
CA PRO B 378 13.67 13.06 6.41
C PRO B 378 14.95 12.96 7.25
N ARG B 379 15.86 12.03 6.96
CA ARG B 379 17.08 11.84 7.74
C ARG B 379 18.32 12.44 7.11
N GLY B 380 18.21 13.03 5.94
CA GLY B 380 19.41 13.65 5.34
C GLY B 380 19.49 13.53 3.85
N SER B 381 20.65 13.88 3.30
CA SER B 381 20.91 13.88 1.85
C SER B 381 20.90 12.46 1.30
N ASN B 382 20.01 12.21 0.34
CA ASN B 382 19.85 10.93 -0.35
C ASN B 382 20.26 11.16 -1.80
N ILE B 383 21.41 10.63 -2.18
CA ILE B 383 21.97 10.93 -3.51
C ILE B 383 22.08 9.66 -4.34
N HIS B 384 21.36 9.64 -5.43
CA HIS B 384 21.45 8.56 -6.40
C HIS B 384 22.20 9.06 -7.63
N LEU B 385 23.11 8.23 -8.14
CA LEU B 385 23.90 8.52 -9.33
C LEU B 385 23.62 7.42 -10.36
N ALA B 386 23.56 7.80 -11.65
CA ALA B 386 23.17 6.81 -12.66
C ALA B 386 23.78 7.12 -14.02
N ARG B 387 24.02 6.06 -14.77
CA ARG B 387 24.28 6.13 -16.21
C ARG B 387 23.24 5.27 -16.89
N VAL B 388 22.41 5.89 -17.72
CA VAL B 388 21.39 5.20 -18.50
C VAL B 388 21.73 5.27 -19.98
N LYS B 389 21.67 4.13 -20.64
CA LYS B 389 21.94 4.04 -22.07
C LYS B 389 20.93 3.09 -22.69
N ASP B 390 20.25 3.56 -23.73
CA ASP B 390 19.21 2.79 -24.41
C ASP B 390 18.12 2.33 -23.43
N GLY B 391 17.72 3.22 -22.53
CA GLY B 391 16.68 2.88 -21.58
C GLY B 391 17.06 1.88 -20.50
N LYS B 392 18.32 1.49 -20.40
CA LYS B 392 18.78 0.55 -19.39
C LYS B 392 19.80 1.20 -18.47
N VAL B 393 19.78 0.77 -17.21
CA VAL B 393 20.70 1.27 -16.19
C VAL B 393 22.02 0.51 -16.34
N ARG B 394 23.09 1.22 -16.72
CA ARG B 394 24.41 0.60 -16.91
C ARG B 394 25.30 0.75 -15.69
N TRP B 395 24.95 1.65 -14.76
CA TRP B 395 25.76 1.96 -13.59
C TRP B 395 24.85 2.69 -12.61
N TYR B 396 24.92 2.28 -11.34
CA TYR B 396 24.02 2.83 -10.34
C TYR B 396 24.73 2.92 -8.99
N ASP B 397 24.41 3.96 -8.23
CA ASP B 397 25.03 4.11 -6.93
C ASP B 397 24.11 4.93 -6.04
N MET B 398 24.05 4.56 -4.74
CA MET B 398 23.15 5.17 -3.77
C MET B 398 23.92 5.55 -2.52
N LEU B 399 23.86 6.83 -2.14
CA LEU B 399 24.52 7.35 -0.94
C LEU B 399 23.41 7.85 -0.04
N VAL B 400 22.97 6.98 0.87
CA VAL B 400 21.76 7.15 1.65
C VAL B 400 22.06 7.84 2.98
N PRO B 401 21.13 8.63 3.54
CA PRO B 401 21.48 9.47 4.70
C PRO B 401 22.00 8.72 5.91
N THR B 402 21.38 7.60 6.28
CA THR B 402 21.86 6.85 7.44
C THR B 402 23.21 6.20 7.16
N THR B 403 23.50 5.86 5.90
CA THR B 403 24.86 5.47 5.55
C THR B 403 25.87 6.55 5.91
N TRP B 404 25.54 7.82 5.65
CA TRP B 404 26.45 8.92 5.98
C TRP B 404 26.58 9.04 7.50
N ASN B 405 25.49 8.83 8.22
CA ASN B 405 25.47 9.08 9.66
C ASN B 405 26.14 7.97 10.49
N PHE B 406 26.25 6.75 9.97
CA PHE B 406 26.85 5.66 10.74
C PHE B 406 28.22 5.98 11.32
N PRO B 407 29.26 6.26 10.50
CA PRO B 407 30.58 6.59 11.11
C PRO B 407 30.57 7.87 11.93
N THR B 408 29.64 8.78 11.67
CA THR B 408 29.64 10.07 12.34
C THR B 408 29.00 9.96 13.71
N CYS B 409 27.93 9.20 13.79
CA CYS B 409 27.33 8.88 15.08
C CYS B 409 28.29 8.09 15.95
N SER B 410 28.98 7.11 15.36
CA SER B 410 29.98 6.34 16.09
C SER B 410 30.95 7.26 16.82
N ARG B 411 31.48 8.26 16.13
CA ARG B 411 32.41 9.19 16.77
C ARG B 411 31.70 10.03 17.84
N ALA B 412 30.44 10.37 17.62
CA ALA B 412 29.66 11.10 18.60
C ALA B 412 29.47 10.32 19.91
N LEU B 413 29.76 9.01 19.91
CA LEU B 413 29.54 8.18 21.10
C LEU B 413 30.58 8.43 22.20
N THR B 414 31.71 9.04 21.89
CA THR B 414 32.72 9.31 22.90
C THR B 414 32.16 10.20 24.01
N GLY B 415 32.48 9.87 25.26
CA GLY B 415 32.06 10.67 26.40
C GLY B 415 30.68 10.36 26.94
N ALA B 416 30.01 9.34 26.41
CA ALA B 416 28.69 8.99 26.87
C ALA B 416 28.73 7.76 27.79
N PRO B 417 27.92 7.75 28.83
CA PRO B 417 27.64 6.49 29.56
C PRO B 417 27.10 5.45 28.60
N TRP B 418 27.77 4.29 28.55
CA TRP B 418 27.35 3.27 27.58
C TRP B 418 25.88 2.91 27.71
N GLN B 419 25.27 3.17 28.87
CA GLN B 419 23.86 2.87 29.05
C GLN B 419 22.94 3.80 28.28
N ILE B 420 23.41 5.00 27.91
CA ILE B 420 22.65 5.93 27.07
C ILE B 420 23.31 6.11 25.70
N ALA B 421 24.15 5.16 25.28
CA ALA B 421 24.68 5.18 23.92
C ALA B 421 23.53 5.15 22.90
N GLU B 422 22.49 4.35 23.18
CA GLU B 422 21.31 4.29 22.31
C GLU B 422 20.60 5.63 22.19
N MET B 423 20.62 6.47 23.24
CA MET B 423 19.99 7.78 23.10
C MET B 423 20.74 8.65 22.10
N VAL B 424 22.07 8.56 22.09
CA VAL B 424 22.88 9.29 21.11
C VAL B 424 22.51 8.83 19.70
N VAL B 425 22.32 7.52 19.53
CA VAL B 425 21.95 6.93 18.26
C VAL B 425 20.57 7.40 17.80
N ARG B 426 19.61 7.47 18.72
CA ARG B 426 18.25 7.75 18.28
C ARG B 426 18.08 9.18 17.80
N ALA B 427 18.94 10.11 18.24
CA ALA B 427 18.87 11.49 17.75
C ALA B 427 19.07 11.59 16.24
N TYR B 428 19.75 10.61 15.62
CA TYR B 428 19.95 10.53 14.17
C TYR B 428 18.74 9.96 13.42
N ASP B 429 17.68 9.51 14.11
CA ASP B 429 16.52 8.90 13.47
C ASP B 429 16.98 7.81 12.49
N PRO B 430 17.72 6.80 12.97
CA PRO B 430 18.38 5.88 12.05
C PRO B 430 17.40 5.02 11.25
N CYS B 431 17.75 4.76 9.99
CA CYS B 431 17.05 3.78 9.15
C CYS B 431 18.12 2.82 8.59
N VAL B 432 18.27 1.67 9.22
CA VAL B 432 19.35 0.75 8.84
C VAL B 432 19.06 -0.01 7.53
N SER B 433 17.80 -0.26 7.20
CA SER B 433 17.51 -0.79 5.86
C SER B 433 17.92 0.19 4.76
N CYS B 434 17.57 1.46 4.92
CA CYS B 434 18.08 2.49 4.00
C CYS B 434 19.59 2.42 3.87
N ALA B 435 20.29 2.50 5.00
CA ALA B 435 21.74 2.65 5.01
C ALA B 435 22.44 1.52 4.28
N THR B 436 21.80 0.36 4.19
CA THR B 436 22.38 -0.87 3.69
C THR B 436 21.95 -1.16 2.25
N HIS B 437 20.66 -0.99 1.94
CA HIS B 437 20.11 -1.14 0.58
C HIS B 437 20.77 -2.21 -0.30
N MET C 1 -36.60 -10.12 4.67
CA MET C 1 -35.35 -10.50 4.02
C MET C 1 -35.46 -11.86 3.34
N ILE C 2 -36.08 -11.88 2.15
CA ILE C 2 -36.12 -13.12 1.38
C ILE C 2 -34.70 -13.62 1.15
N GLU C 3 -34.64 -14.89 0.76
CA GLU C 3 -33.36 -15.57 0.48
C GLU C 3 -33.54 -16.56 -0.65
N ASP C 4 -33.89 -16.09 -1.83
CA ASP C 4 -34.03 -17.01 -2.99
C ASP C 4 -32.67 -17.64 -3.25
N PRO C 5 -32.59 -18.92 -3.62
CA PRO C 5 -31.32 -19.54 -3.95
C PRO C 5 -30.87 -19.29 -5.39
N TYR C 6 -31.66 -18.55 -6.15
CA TYR C 6 -31.36 -18.20 -7.54
C TYR C 6 -31.49 -16.69 -7.71
N LEU C 7 -32.03 -15.99 -6.73
CA LEU C 7 -32.17 -14.52 -6.88
C LEU C 7 -31.42 -13.83 -5.76
N GLY C 8 -30.73 -14.57 -4.91
CA GLY C 8 -29.93 -13.99 -3.84
C GLY C 8 -30.73 -13.45 -2.67
N LYS C 9 -30.07 -12.79 -1.72
CA LYS C 9 -30.78 -12.24 -0.52
C LYS C 9 -31.25 -10.82 -0.82
N TYR C 10 -32.53 -10.52 -0.56
CA TYR C 10 -33.03 -9.16 -0.82
C TYR C 10 -34.22 -8.85 0.07
N VAL C 11 -34.51 -7.57 0.25
CA VAL C 11 -35.66 -7.12 1.03
C VAL C 11 -36.91 -7.12 0.16
N THR C 12 -36.93 -6.32 -0.90
CA THR C 12 -38.08 -6.30 -1.79
C THR C 12 -37.64 -6.26 -3.25
N CYS C 13 -38.63 -6.39 -4.12
CA CYS C 13 -38.43 -6.41 -5.57
C CYS C 13 -39.65 -5.79 -6.22
N VAL C 14 -39.46 -4.66 -6.91
CA VAL C 14 -40.52 -3.97 -7.62
C VAL C 14 -40.07 -3.73 -9.05
N SER C 15 -41.01 -3.30 -9.88
CA SER C 15 -40.76 -2.99 -11.28
C SER C 15 -40.85 -1.47 -11.40
N ALA C 16 -39.78 -0.83 -11.87
CA ALA C 16 -39.65 0.60 -11.73
C ALA C 16 -39.10 1.24 -13.01
N ARG C 17 -39.21 2.57 -13.05
CA ARG C 17 -38.64 3.37 -14.11
C ARG C 17 -38.54 4.82 -13.62
N SER C 18 -37.48 5.49 -14.09
CA SER C 18 -37.19 6.84 -13.65
C SER C 18 -38.24 7.82 -14.14
N THR C 19 -38.54 8.81 -13.31
CA THR C 19 -39.41 9.91 -13.68
C THR C 19 -38.68 11.04 -14.39
N ASP C 20 -37.34 10.98 -14.47
CA ASP C 20 -36.56 11.99 -15.20
C ASP C 20 -36.64 11.66 -16.69
N LYS C 21 -37.38 12.46 -17.43
CA LYS C 21 -37.66 12.15 -18.85
C LYS C 21 -36.41 12.25 -19.71
N GLU C 22 -35.52 13.18 -19.40
CA GLU C 22 -34.30 13.34 -20.21
C GLU C 22 -33.43 12.09 -20.09
N ILE C 23 -33.36 11.52 -18.91
CA ILE C 23 -32.58 10.27 -18.67
C ILE C 23 -33.20 9.13 -19.45
N LEU C 24 -34.53 9.10 -19.56
CA LEU C 24 -35.22 7.96 -20.21
C LEU C 24 -35.05 7.96 -21.72
N LYS C 25 -34.72 9.10 -22.29
CA LYS C 25 -34.51 9.26 -23.75
C LYS C 25 -33.49 8.24 -24.29
N LYS C 26 -32.43 7.91 -23.56
CA LYS C 26 -31.46 6.93 -24.09
C LYS C 26 -31.19 5.79 -23.11
N ALA C 27 -31.80 5.75 -21.94
CA ALA C 27 -31.62 4.58 -21.08
C ALA C 27 -31.89 3.31 -21.86
N GLN C 28 -31.20 2.23 -21.49
CA GLN C 28 -31.48 0.93 -22.09
C GLN C 28 -32.89 0.46 -21.78
N ASP C 29 -33.24 0.52 -20.51
CA ASP C 29 -34.54 0.03 -20.04
C ASP C 29 -35.24 1.15 -19.27
N GLY C 30 -35.40 0.97 -17.96
CA GLY C 30 -36.07 1.97 -17.16
C GLY C 30 -35.19 3.10 -16.67
N GLY C 31 -33.90 3.06 -16.97
CA GLY C 31 -33.01 4.12 -16.52
C GLY C 31 -32.65 4.05 -15.06
N ILE C 32 -32.63 2.86 -14.48
CA ILE C 32 -32.44 2.71 -13.04
C ILE C 32 -30.98 3.00 -12.67
N ALA C 33 -30.04 2.39 -13.39
CA ALA C 33 -28.62 2.56 -13.06
C ALA C 33 -28.20 4.03 -13.16
N THR C 34 -28.56 4.70 -14.26
CA THR C 34 -28.29 6.13 -14.38
C THR C 34 -28.97 6.92 -13.27
N ALA C 35 -30.28 6.71 -13.09
CA ALA C 35 -31.04 7.53 -12.14
C ALA C 35 -30.56 7.34 -10.70
N LEU C 36 -30.11 6.13 -10.35
CA LEU C 36 -29.64 5.91 -8.99
C LEU C 36 -28.31 6.63 -8.73
N MET C 37 -27.42 6.68 -9.72
CA MET C 37 -26.11 7.33 -9.51
C MET C 37 -26.23 8.84 -9.56
N VAL C 38 -26.98 9.37 -10.53
CA VAL C 38 -27.27 10.80 -10.55
C VAL C 38 -27.83 11.24 -9.20
N TYR C 39 -28.89 10.57 -8.74
CA TYR C 39 -29.51 10.95 -7.47
C TYR C 39 -28.52 10.78 -6.31
N ALA C 40 -27.73 9.70 -6.33
CA ALA C 40 -26.74 9.52 -5.27
C ALA C 40 -25.74 10.67 -5.26
N LEU C 41 -25.37 11.17 -6.44
CA LEU C 41 -24.46 12.30 -6.51
C LEU C 41 -25.10 13.57 -5.97
N GLU C 42 -26.31 13.91 -6.44
CA GLU C 42 -26.92 15.16 -6.03
CA GLU C 42 -26.95 15.15 -6.04
C GLU C 42 -27.23 15.15 -4.53
N GLU C 43 -27.58 13.99 -3.96
CA GLU C 43 -27.87 13.90 -2.53
C GLU C 43 -26.63 13.86 -1.66
N GLY C 44 -25.49 13.42 -2.18
CA GLY C 44 -24.29 13.32 -1.39
C GLY C 44 -23.97 11.95 -0.84
N PHE C 45 -24.67 10.90 -1.29
CA PHE C 45 -24.26 9.55 -0.91
C PHE C 45 -22.95 9.14 -1.58
N ILE C 46 -22.71 9.61 -2.81
CA ILE C 46 -21.42 9.41 -3.45
C ILE C 46 -20.88 10.76 -3.92
N ASP C 47 -19.56 10.85 -4.06
CA ASP C 47 -18.97 11.98 -4.76
C ASP C 47 -18.39 11.59 -6.12
N GLY C 48 -18.52 10.31 -6.50
CA GLY C 48 -18.14 9.89 -7.84
C GLY C 48 -18.43 8.42 -8.01
N THR C 49 -18.51 8.00 -9.28
CA THR C 49 -18.91 6.63 -9.62
C THR C 49 -18.26 6.16 -10.92
N ILE C 50 -17.75 4.93 -10.89
CA ILE C 50 -17.23 4.26 -12.09
C ILE C 50 -18.39 3.84 -12.99
N VAL C 51 -18.31 4.22 -14.25
CA VAL C 51 -19.39 3.89 -15.22
C VAL C 51 -18.77 3.45 -16.54
N ALA C 52 -19.54 2.82 -17.39
CA ALA C 52 -19.05 2.38 -18.70
C ALA C 52 -19.29 3.51 -19.69
N GLY C 53 -18.29 4.36 -19.87
CA GLY C 53 -18.42 5.52 -20.75
C GLY C 53 -18.10 5.18 -22.17
N GLU C 54 -18.21 6.17 -23.03
CA GLU C 54 -17.90 5.97 -24.44
C GLU C 54 -16.40 5.78 -24.65
N GLY C 55 -16.06 4.86 -25.53
CA GLY C 55 -14.66 4.57 -25.79
C GLY C 55 -14.21 5.05 -27.15
N ASP C 56 -13.19 4.38 -27.70
CA ASP C 56 -12.48 4.86 -28.87
C ASP C 56 -12.87 4.18 -30.17
N LYS C 57 -13.39 2.95 -30.11
CA LYS C 57 -14.10 2.36 -31.22
C LYS C 57 -15.60 2.42 -30.95
N PRO C 58 -16.44 2.43 -32.00
CA PRO C 58 -17.90 2.41 -31.76
C PRO C 58 -18.34 1.16 -31.02
N TRP C 59 -19.18 1.35 -29.99
CA TRP C 59 -19.74 0.29 -29.14
C TRP C 59 -18.67 -0.45 -28.36
N GLN C 60 -17.51 0.18 -28.16
CA GLN C 60 -16.54 -0.31 -27.19
C GLN C 60 -16.67 0.54 -25.94
N PRO C 61 -16.99 -0.06 -24.79
CA PRO C 61 -17.08 0.73 -23.55
C PRO C 61 -15.70 1.01 -22.96
N LYS C 62 -15.63 2.12 -22.24
CA LYS C 62 -14.39 2.54 -21.59
C LYS C 62 -14.73 2.98 -20.17
N PRO C 63 -14.23 2.29 -19.14
CA PRO C 63 -14.51 2.73 -17.76
C PRO C 63 -14.01 4.14 -17.50
N VAL C 64 -14.71 4.86 -16.64
CA VAL C 64 -14.31 6.21 -16.27
C VAL C 64 -14.92 6.57 -14.92
N VAL C 65 -14.21 7.41 -14.17
CA VAL C 65 -14.70 7.95 -12.91
C VAL C 65 -15.53 9.19 -13.25
N ALA C 66 -16.86 9.07 -13.18
CA ALA C 66 -17.74 10.19 -13.44
C ALA C 66 -18.00 10.96 -12.15
N MET C 67 -18.05 12.31 -12.27
CA MET C 67 -18.24 13.14 -11.10
C MET C 67 -19.23 14.27 -11.33
N THR C 68 -20.00 14.20 -12.41
CA THR C 68 -21.01 15.18 -12.74
C THR C 68 -22.23 14.42 -13.24
N ARG C 69 -23.39 15.06 -13.14
CA ARG C 69 -24.57 14.45 -13.73
C ARG C 69 -24.35 14.15 -15.21
N GLU C 70 -23.71 15.09 -15.93
CA GLU C 70 -23.55 14.99 -17.37
C GLU C 70 -22.64 13.81 -17.75
N ASP C 71 -21.53 13.63 -17.04
CA ASP C 71 -20.67 12.48 -17.30
C ASP C 71 -21.39 11.16 -17.03
N ILE C 72 -22.29 11.13 -16.04
CA ILE C 72 -22.98 9.88 -15.73
C ILE C 72 -23.92 9.49 -16.87
N LEU C 73 -24.69 10.44 -17.39
CA LEU C 73 -25.61 10.12 -18.47
C LEU C 73 -24.86 9.61 -19.71
N LYS C 74 -23.59 10.00 -19.89
CA LYS C 74 -22.87 9.53 -21.07
C LYS C 74 -22.76 8.02 -21.12
N ALA C 75 -23.02 7.33 -20.02
CA ALA C 75 -22.82 5.89 -19.94
C ALA C 75 -24.11 5.09 -20.10
N ARG C 76 -25.22 5.75 -20.48
CA ARG C 76 -26.47 5.03 -20.77
C ARG C 76 -26.31 4.02 -21.90
N GLY C 77 -27.15 2.99 -21.88
CA GLY C 77 -27.17 1.95 -22.91
C GLY C 77 -26.30 0.76 -22.59
N THR C 78 -26.69 -0.42 -23.03
CA THR C 78 -25.91 -1.63 -22.74
C THR C 78 -24.82 -1.86 -23.78
N ARG C 79 -23.60 -2.10 -23.35
CA ARG C 79 -22.54 -2.44 -24.30
C ARG C 79 -22.28 -3.92 -24.11
N TYR C 80 -22.44 -4.73 -25.15
CA TYR C 80 -22.28 -6.19 -25.03
C TYR C 80 -20.83 -6.65 -25.20
N ASN C 81 -19.89 -5.92 -24.65
CA ASN C 81 -18.56 -6.51 -24.53
C ASN C 81 -17.92 -5.99 -23.25
N ILE C 82 -16.74 -6.51 -22.95
CA ILE C 82 -16.14 -6.36 -21.63
C ILE C 82 -15.76 -4.91 -21.38
N SER C 83 -16.02 -4.44 -20.16
CA SER C 83 -15.60 -3.12 -19.72
C SER C 83 -14.95 -3.33 -18.36
N PRO C 84 -13.61 -3.32 -18.28
CA PRO C 84 -12.95 -3.65 -17.00
C PRO C 84 -13.15 -2.59 -15.93
N GLN C 85 -14.38 -2.55 -15.38
CA GLN C 85 -14.82 -1.49 -14.49
C GLN C 85 -13.92 -1.31 -13.28
N ILE C 86 -13.35 -2.40 -12.74
CA ILE C 86 -12.65 -2.32 -11.47
C ILE C 86 -11.23 -1.75 -11.61
N SER C 87 -10.71 -1.65 -12.83
CA SER C 87 -9.38 -1.08 -13.01
C SER C 87 -9.21 0.31 -12.40
N TRP C 88 -10.30 1.06 -12.19
CA TRP C 88 -10.22 2.41 -11.62
C TRP C 88 -10.69 2.48 -10.17
N LEU C 89 -10.92 1.34 -9.54
CA LEU C 89 -11.48 1.32 -8.18
C LEU C 89 -10.53 1.96 -7.18
N LYS C 90 -9.23 1.61 -7.24
CA LYS C 90 -8.29 2.22 -6.30
C LYS C 90 -7.96 3.65 -6.72
N GLU C 91 -7.82 3.88 -8.02
CA GLU C 91 -7.43 5.20 -8.47
C GLU C 91 -8.49 6.23 -8.09
N ALA C 92 -9.74 5.80 -8.01
CA ALA C 92 -10.79 6.71 -7.57
C ALA C 92 -10.47 7.29 -6.20
N THR C 93 -9.78 6.55 -5.33
CA THR C 93 -9.51 7.08 -4.00
C THR C 93 -8.18 7.78 -3.91
N ARG C 94 -7.43 7.83 -5.00
CA ARG C 94 -6.11 8.48 -4.99
C ARG C 94 -6.17 9.83 -5.69
N SER C 95 -5.75 9.88 -6.96
CA SER C 95 -5.71 11.11 -7.78
C SER C 95 -7.08 11.80 -7.83
N PHE C 96 -8.15 11.05 -7.88
CA PHE C 96 -9.45 11.70 -7.89
C PHE C 96 -9.87 12.23 -6.52
N GLY C 97 -9.24 11.77 -5.44
CA GLY C 97 -9.57 12.27 -4.10
C GLY C 97 -11.00 12.04 -3.63
N LEU C 98 -11.61 10.93 -4.03
CA LEU C 98 -12.96 10.66 -3.59
C LEU C 98 -13.00 10.06 -2.19
N ASP C 99 -14.05 10.41 -1.44
CA ASP C 99 -14.37 9.82 -0.15
C ASP C 99 -15.46 8.76 -0.21
N LYS C 100 -16.34 8.80 -1.22
CA LYS C 100 -17.57 7.99 -1.23
C LYS C 100 -17.81 7.47 -2.66
N VAL C 101 -17.16 6.37 -3.00
CA VAL C 101 -17.09 5.91 -4.38
C VAL C 101 -18.30 5.07 -4.73
N GLY C 102 -18.92 5.37 -5.87
CA GLY C 102 -19.88 4.50 -6.49
C GLY C 102 -19.25 3.59 -7.54
N VAL C 103 -19.86 2.42 -7.74
CA VAL C 103 -19.43 1.46 -8.74
C VAL C 103 -20.64 0.86 -9.43
N THR C 104 -20.56 0.75 -10.77
CA THR C 104 -21.58 0.10 -11.57
C THR C 104 -20.89 -0.99 -12.38
N GLY C 105 -21.65 -2.03 -12.71
CA GLY C 105 -21.12 -3.15 -13.46
C GLY C 105 -22.03 -4.36 -13.39
N VAL C 106 -21.56 -5.44 -14.00
CA VAL C 106 -22.30 -6.69 -13.98
C VAL C 106 -21.90 -7.48 -12.75
N CYS C 107 -22.41 -8.72 -12.65
CA CYS C 107 -22.40 -9.46 -11.38
C CYS C 107 -20.97 -9.75 -10.91
N CYS C 108 -20.11 -10.21 -11.82
CA CYS C 108 -18.73 -10.52 -11.46
C CYS C 108 -17.98 -9.29 -10.96
N GLN C 109 -18.39 -8.11 -11.41
CA GLN C 109 -17.72 -6.89 -11.00
C GLN C 109 -18.14 -6.50 -9.59
N MET C 110 -19.39 -6.79 -9.24
CA MET C 110 -19.85 -6.61 -7.86
C MET C 110 -19.09 -7.54 -6.92
N GLN C 111 -18.90 -8.79 -7.32
CA GLN C 111 -18.09 -9.74 -6.53
C GLN C 111 -16.67 -9.23 -6.32
N ALA C 112 -16.03 -8.66 -7.36
CA ALA C 112 -14.70 -8.11 -7.17
C ALA C 112 -14.71 -7.04 -6.09
N VAL C 113 -15.68 -6.13 -6.16
CA VAL C 113 -15.80 -5.08 -5.15
C VAL C 113 -15.97 -5.68 -3.75
N ARG C 114 -16.85 -6.67 -3.61
CA ARG C 114 -17.03 -7.23 -2.27
C ARG C 114 -15.78 -7.95 -1.80
N LYS C 115 -15.12 -8.68 -2.70
CA LYS C 115 -13.85 -9.30 -2.33
C LYS C 115 -12.82 -8.25 -1.89
N ALA C 116 -12.75 -7.12 -2.61
CA ALA C 116 -11.77 -6.10 -2.24
C ALA C 116 -12.08 -5.52 -0.88
N GLN C 117 -13.37 -5.42 -0.53
CA GLN C 117 -13.75 -4.88 0.77
C GLN C 117 -13.33 -5.79 1.91
N LEU C 118 -13.39 -7.11 1.72
CA LEU C 118 -13.11 -8.02 2.81
C LEU C 118 -11.69 -8.55 2.78
N TYR C 119 -11.12 -8.80 1.59
CA TYR C 119 -9.73 -9.22 1.44
C TYR C 119 -8.94 -8.23 0.57
N PRO C 120 -8.79 -6.96 1.00
CA PRO C 120 -8.00 -6.02 0.20
C PRO C 120 -6.54 -6.45 0.03
N ILE C 121 -6.15 -6.83 -1.17
CA ILE C 121 -4.78 -7.27 -1.45
C ILE C 121 -4.13 -6.17 -2.29
N ASN C 122 -3.33 -5.33 -1.63
CA ASN C 122 -2.84 -4.09 -2.24
C ASN C 122 -4.00 -3.23 -2.71
N MET C 123 -5.01 -3.09 -1.86
CA MET C 123 -6.22 -2.32 -2.15
C MET C 123 -6.54 -1.39 -0.97
N ARG C 124 -5.49 -0.88 -0.35
CA ARG C 124 -5.60 0.08 0.76
C ARG C 124 -6.58 1.20 0.47
N ASP C 125 -7.39 1.51 1.47
CA ASP C 125 -8.34 2.61 1.48
C ASP C 125 -9.63 2.26 0.73
N VAL C 126 -9.66 1.18 -0.05
CA VAL C 126 -10.83 0.82 -0.84
C VAL C 126 -11.97 0.30 0.04
N PRO C 127 -11.72 -0.62 0.99
CA PRO C 127 -12.85 -1.17 1.79
C PRO C 127 -13.77 -0.12 2.38
N GLY C 128 -13.23 0.88 3.07
CA GLY C 128 -14.03 1.89 3.70
C GLY C 128 -14.49 3.05 2.85
N LYS C 129 -14.15 3.08 1.56
CA LYS C 129 -14.55 4.18 0.70
C LYS C 129 -15.50 3.75 -0.41
N VAL C 130 -15.71 2.45 -0.61
CA VAL C 130 -16.84 1.97 -1.40
C VAL C 130 -18.14 2.32 -0.67
N ALA C 131 -19.01 3.07 -1.35
CA ALA C 131 -20.18 3.64 -0.72
C ALA C 131 -21.50 3.25 -1.37
N PHE C 132 -21.49 2.69 -2.59
CA PHE C 132 -22.74 2.39 -3.27
C PHE C 132 -22.49 1.56 -4.53
N THR C 133 -23.09 0.38 -4.62
CA THR C 133 -22.93 -0.47 -5.78
C THR C 133 -24.29 -0.68 -6.44
N VAL C 134 -24.32 -0.55 -7.76
CA VAL C 134 -25.50 -0.87 -8.56
C VAL C 134 -25.09 -1.90 -9.58
N GLY C 135 -25.73 -3.06 -9.54
CA GLY C 135 -25.35 -4.20 -10.36
C GLY C 135 -26.43 -4.52 -11.38
N LEU C 136 -26.00 -4.80 -12.60
CA LEU C 136 -26.90 -5.18 -13.67
C LEU C 136 -27.02 -6.69 -13.74
N PHE C 137 -28.21 -7.18 -14.16
CA PHE C 137 -28.31 -8.57 -14.53
C PHE C 137 -27.38 -8.83 -15.70
N CYS C 138 -26.92 -10.07 -15.84
CA CYS C 138 -26.00 -10.40 -16.92
C CYS C 138 -26.04 -11.91 -17.13
N MET C 139 -26.43 -12.32 -18.33
CA MET C 139 -26.51 -13.74 -18.70
C MET C 139 -25.15 -14.23 -19.21
N GLU C 140 -24.45 -13.37 -19.97
CA GLU C 140 -23.10 -13.65 -20.53
C GLU C 140 -22.57 -12.41 -21.23
N ASN C 141 -21.27 -12.35 -21.49
CA ASN C 141 -20.67 -11.20 -22.20
C ASN C 141 -19.84 -11.69 -23.39
N PHE C 142 -19.38 -10.76 -24.21
CA PHE C 142 -18.63 -11.05 -25.42
C PHE C 142 -17.38 -10.16 -25.51
N SER C 143 -16.39 -10.64 -26.27
CA SER C 143 -15.28 -9.77 -26.66
C SER C 143 -15.71 -8.86 -27.80
N TYR C 144 -14.89 -7.82 -28.04
CA TYR C 144 -15.21 -6.85 -29.09
C TYR C 144 -15.24 -7.51 -30.47
N LYS C 145 -14.25 -8.35 -30.77
CA LYS C 145 -14.25 -9.05 -32.05
C LYS C 145 -15.47 -9.97 -32.17
N SER C 146 -15.97 -10.49 -31.04
CA SER C 146 -17.22 -11.23 -31.06
C SER C 146 -18.38 -10.32 -31.40
N LEU C 147 -18.50 -9.20 -30.69
CA LEU C 147 -19.58 -8.26 -30.99
C LEU C 147 -19.48 -7.72 -32.41
N GLN C 148 -18.26 -7.56 -32.92
CA GLN C 148 -18.07 -7.14 -34.31
C GLN C 148 -18.62 -8.19 -35.27
N SER C 149 -18.29 -9.46 -35.01
CA SER C 149 -18.72 -10.56 -35.88
C SER C 149 -20.23 -10.74 -35.84
N ILE C 150 -20.82 -10.63 -34.65
CA ILE C 150 -22.27 -10.77 -34.54
C ILE C 150 -22.96 -9.66 -35.30
N VAL C 151 -22.60 -8.41 -35.01
CA VAL C 151 -23.32 -7.28 -35.60
C VAL C 151 -23.10 -7.22 -37.10
N GLU C 152 -21.86 -7.42 -37.57
CA GLU C 152 -21.52 -7.09 -38.96
C GLU C 152 -21.73 -8.24 -39.93
N ASP C 153 -21.47 -9.46 -39.50
CA ASP C 153 -21.66 -10.63 -40.35
C ASP C 153 -23.04 -11.23 -40.20
N HIS C 154 -23.45 -11.53 -38.95
CA HIS C 154 -24.71 -12.20 -38.70
C HIS C 154 -25.91 -11.25 -38.83
N ALA C 155 -25.86 -10.09 -38.19
CA ALA C 155 -26.91 -9.09 -38.37
C ALA C 155 -26.74 -8.31 -39.65
N ASN C 156 -25.54 -8.34 -40.23
CA ASN C 156 -25.21 -7.60 -41.45
C ASN C 156 -25.41 -6.08 -41.31
N GLN C 157 -25.07 -5.52 -40.16
CA GLN C 157 -25.22 -4.09 -39.96
C GLN C 157 -23.85 -3.43 -39.80
N SER C 158 -23.80 -2.14 -40.11
CA SER C 158 -22.63 -1.32 -39.83
C SER C 158 -22.70 -0.80 -38.40
N LEU C 159 -21.62 -1.03 -37.63
CA LEU C 159 -21.54 -0.56 -36.25
C LEU C 159 -21.74 0.94 -36.16
N GLY C 160 -21.27 1.70 -37.14
CA GLY C 160 -21.48 3.14 -37.08
C GLY C 160 -22.92 3.56 -37.24
N SER C 161 -23.81 2.62 -37.57
CA SER C 161 -25.22 2.92 -37.75
C SER C 161 -26.10 2.45 -36.59
N VAL C 162 -25.55 1.75 -35.61
CA VAL C 162 -26.37 1.08 -34.61
C VAL C 162 -26.64 2.01 -33.44
N LYS C 163 -27.92 2.16 -33.11
CA LYS C 163 -28.41 3.02 -32.04
C LYS C 163 -28.67 2.24 -30.75
N LYS C 164 -28.87 0.93 -30.83
CA LYS C 164 -29.21 0.15 -29.65
C LYS C 164 -29.07 -1.32 -29.98
N MET C 165 -28.70 -2.10 -28.96
CA MET C 165 -28.58 -3.55 -29.03
C MET C 165 -29.34 -4.17 -27.87
N GLU C 166 -29.92 -5.36 -28.11
CA GLU C 166 -30.72 -6.02 -27.09
C GLU C 166 -30.72 -7.52 -27.32
N ILE C 167 -30.38 -8.26 -26.27
CA ILE C 167 -30.62 -9.70 -26.20
C ILE C 167 -31.93 -9.88 -25.45
N THR C 168 -32.88 -10.57 -26.07
CA THR C 168 -34.18 -10.81 -25.47
C THR C 168 -34.96 -11.77 -26.36
N LYS C 169 -35.79 -12.58 -25.71
CA LYS C 169 -36.72 -13.46 -26.42
C LYS C 169 -36.00 -14.30 -27.48
N GLY C 170 -34.83 -14.82 -27.11
CA GLY C 170 -34.07 -15.77 -27.90
C GLY C 170 -33.32 -15.22 -29.10
N LYS C 171 -33.17 -13.91 -29.20
N LYS C 171 -33.18 -13.90 -29.21
CA LYS C 171 -32.54 -13.29 -30.35
CA LYS C 171 -32.56 -13.30 -30.40
C LYS C 171 -31.54 -12.24 -29.89
C LYS C 171 -31.66 -12.13 -29.98
N PHE C 172 -30.64 -11.87 -30.80
CA PHE C 172 -29.77 -10.72 -30.65
C PHE C 172 -30.32 -9.62 -31.55
N TRP C 173 -30.77 -8.51 -30.95
CA TRP C 173 -31.47 -7.45 -31.68
C TRP C 173 -30.55 -6.25 -31.94
N VAL C 174 -30.51 -5.78 -33.18
CA VAL C 174 -29.77 -4.58 -33.55
C VAL C 174 -30.75 -3.55 -34.08
N TYR C 175 -30.68 -2.33 -33.58
CA TYR C 175 -31.51 -1.24 -34.08
C TYR C 175 -30.64 -0.16 -34.71
N THR C 176 -30.99 0.26 -35.92
CA THR C 176 -30.21 1.31 -36.56
C THR C 176 -30.83 2.69 -36.32
N GLU C 177 -29.98 3.72 -36.46
CA GLU C 177 -30.44 5.09 -36.28
C GLU C 177 -31.43 5.49 -37.35
N ARG C 178 -31.32 4.91 -38.55
CA ARG C 178 -32.27 5.27 -39.59
C ARG C 178 -33.59 4.48 -39.50
N GLY C 179 -33.63 3.40 -38.72
CA GLY C 179 -34.90 2.84 -38.32
C GLY C 179 -35.08 1.36 -38.52
N ASN C 180 -34.08 0.71 -39.11
N ASN C 180 -34.09 0.71 -39.15
CA ASN C 180 -34.19 -0.70 -39.40
CA ASN C 180 -34.19 -0.71 -39.42
C ASN C 180 -33.91 -1.54 -38.15
C ASN C 180 -33.93 -1.53 -38.15
N VAL C 181 -34.29 -2.81 -38.23
CA VAL C 181 -34.11 -3.75 -37.14
C VAL C 181 -33.60 -5.05 -37.75
N ALA C 182 -32.66 -5.70 -37.07
CA ALA C 182 -32.12 -6.97 -37.50
C ALA C 182 -32.02 -7.88 -36.27
N THR C 183 -32.09 -9.19 -36.49
CA THR C 183 -31.94 -10.13 -35.40
C THR C 183 -31.03 -11.29 -35.78
N VAL C 184 -30.48 -11.91 -34.75
CA VAL C 184 -29.64 -13.11 -34.86
C VAL C 184 -30.17 -14.16 -33.90
N PRO C 185 -30.37 -15.40 -34.34
CA PRO C 185 -30.69 -16.48 -33.40
C PRO C 185 -29.56 -16.70 -32.40
N LEU C 186 -29.92 -16.84 -31.12
CA LEU C 186 -28.91 -17.01 -30.08
C LEU C 186 -28.11 -18.30 -30.21
N LYS C 187 -28.62 -19.29 -30.95
CA LYS C 187 -27.84 -20.50 -31.19
C LYS C 187 -26.58 -20.18 -31.98
N ALA C 188 -26.68 -19.24 -32.92
CA ALA C 188 -25.53 -18.87 -33.74
C ALA C 188 -24.43 -18.22 -32.92
N THR C 189 -24.80 -17.50 -31.85
CA THR C 189 -23.86 -16.68 -31.09
C THR C 189 -23.08 -17.46 -30.03
N HIS C 190 -23.35 -18.76 -29.83
CA HIS C 190 -22.82 -19.42 -28.65
C HIS C 190 -21.30 -19.64 -28.74
N LYS C 191 -20.75 -19.74 -29.94
CA LYS C 191 -19.30 -19.85 -30.03
C LYS C 191 -18.59 -18.56 -29.61
N TYR C 192 -19.29 -17.43 -29.59
CA TYR C 192 -18.71 -16.10 -29.38
C TYR C 192 -18.72 -15.63 -27.92
N GLU C 193 -19.17 -16.44 -26.97
CA GLU C 193 -19.22 -15.99 -25.59
C GLU C 193 -17.85 -16.07 -24.93
N GLN C 194 -17.59 -15.15 -24.01
CA GLN C 194 -16.33 -15.18 -23.29
C GLN C 194 -16.25 -16.44 -22.43
N PRO C 195 -15.21 -17.29 -22.59
CA PRO C 195 -15.20 -18.58 -21.90
C PRO C 195 -15.33 -18.47 -20.38
N GLY C 196 -14.78 -17.42 -19.78
CA GLY C 196 -14.88 -17.22 -18.34
C GLY C 196 -16.29 -16.94 -17.82
N CYS C 197 -17.26 -16.69 -18.69
CA CYS C 197 -18.63 -16.53 -18.24
C CYS C 197 -19.31 -17.86 -17.93
N HIS C 198 -18.71 -18.98 -18.35
CA HIS C 198 -19.26 -20.33 -18.24
C HIS C 198 -19.12 -20.93 -16.84
N VAL C 199 -18.52 -20.21 -15.91
CA VAL C 199 -18.33 -20.70 -14.50
C VAL C 199 -18.95 -19.69 -13.55
N CYS C 200 -19.72 -18.78 -14.09
CA CYS C 200 -20.38 -17.73 -13.34
C CYS C 200 -21.74 -18.21 -12.87
N LEU C 201 -22.01 -18.05 -11.59
CA LEU C 201 -23.16 -18.64 -10.91
C LEU C 201 -24.03 -17.55 -10.31
N ASP C 202 -24.12 -16.41 -11.00
CA ASP C 202 -24.76 -15.23 -10.45
C ASP C 202 -25.42 -14.50 -11.61
N TYR C 203 -26.72 -14.32 -11.54
CA TYR C 203 -27.48 -13.76 -12.64
C TYR C 203 -28.00 -12.37 -12.35
N VAL C 204 -28.58 -12.14 -11.16
CA VAL C 204 -29.21 -10.84 -10.87
C VAL C 204 -28.34 -9.99 -9.96
N SER C 205 -27.02 -10.20 -10.04
CA SER C 205 -26.02 -9.42 -9.31
C SER C 205 -26.30 -9.48 -7.80
N ASN C 206 -26.05 -10.67 -7.27
CA ASN C 206 -26.50 -10.97 -5.91
C ASN C 206 -25.85 -10.02 -4.90
N LEU C 207 -24.60 -9.64 -5.13
CA LEU C 207 -23.80 -8.95 -4.12
C LEU C 207 -23.89 -7.44 -4.20
N ALA C 208 -24.77 -6.91 -5.05
CA ALA C 208 -24.91 -5.46 -5.17
C ALA C 208 -25.76 -4.89 -4.03
N ASP C 209 -25.67 -3.58 -3.84
CA ASP C 209 -26.55 -2.90 -2.90
C ASP C 209 -27.96 -2.84 -3.45
N ILE C 210 -28.06 -2.40 -4.70
CA ILE C 210 -29.27 -2.50 -5.50
C ILE C 210 -28.90 -3.25 -6.78
N SER C 211 -29.85 -4.01 -7.31
CA SER C 211 -29.68 -4.76 -8.55
C SER C 211 -30.76 -4.35 -9.53
N THR C 212 -30.44 -4.37 -10.83
CA THR C 212 -31.43 -3.97 -11.81
C THR C 212 -31.15 -4.63 -13.15
N GLY C 213 -32.22 -4.85 -13.89
CA GLY C 213 -32.17 -5.59 -15.14
C GLY C 213 -33.43 -5.37 -15.95
N SER C 214 -33.54 -6.15 -17.03
CA SER C 214 -34.63 -6.03 -17.98
C SER C 214 -35.71 -7.10 -17.80
N VAL C 215 -35.29 -8.37 -17.69
CA VAL C 215 -36.23 -9.48 -17.64
C VAL C 215 -37.22 -9.29 -16.50
N GLY C 216 -38.47 -9.72 -16.73
CA GLY C 216 -39.55 -9.59 -15.76
C GLY C 216 -40.39 -8.34 -15.90
N SER C 217 -39.93 -7.35 -16.64
CA SER C 217 -40.68 -6.11 -16.75
C SER C 217 -40.93 -5.80 -18.22
N PRO C 218 -41.98 -5.04 -18.51
CA PRO C 218 -42.23 -4.63 -19.89
C PRO C 218 -41.11 -3.73 -20.44
N ASP C 219 -41.09 -3.60 -21.76
CA ASP C 219 -40.13 -2.70 -22.38
C ASP C 219 -40.29 -1.29 -21.81
N GLY C 220 -39.15 -0.62 -21.58
CA GLY C 220 -39.13 0.67 -20.93
C GLY C 220 -39.14 0.65 -19.43
N TRP C 221 -39.10 -0.55 -18.82
CA TRP C 221 -39.26 -0.75 -17.38
C TRP C 221 -38.22 -1.74 -16.90
N SER C 222 -37.81 -1.57 -15.64
CA SER C 222 -36.72 -2.35 -15.05
C SER C 222 -37.24 -3.20 -13.90
N THR C 223 -36.65 -4.38 -13.75
CA THR C 223 -36.83 -5.21 -12.57
C THR C 223 -35.70 -4.91 -11.59
N VAL C 224 -36.07 -4.49 -10.38
CA VAL C 224 -35.15 -3.92 -9.39
C VAL C 224 -35.23 -4.74 -8.10
N PHE C 225 -34.06 -5.08 -7.53
CA PHE C 225 -33.94 -5.72 -6.22
C PHE C 225 -33.23 -4.78 -5.27
N ILE C 226 -33.80 -4.55 -4.09
CA ILE C 226 -33.13 -3.81 -3.03
C ILE C 226 -32.62 -4.81 -2.01
N ARG C 227 -31.34 -4.71 -1.66
CA ARG C 227 -30.67 -5.80 -0.97
C ARG C 227 -30.01 -5.40 0.34
N THR C 228 -29.19 -4.36 0.33
CA THR C 228 -28.45 -3.99 1.53
C THR C 228 -29.10 -2.81 2.23
N LYS C 229 -28.64 -2.57 3.46
CA LYS C 229 -29.10 -1.40 4.19
C LYS C 229 -28.82 -0.13 3.41
N VAL C 230 -27.63 -0.04 2.80
CA VAL C 230 -27.31 1.09 1.92
C VAL C 230 -28.31 1.18 0.78
N GLY C 231 -28.54 0.06 0.09
CA GLY C 231 -29.54 0.06 -0.97
C GLY C 231 -30.89 0.55 -0.51
N ASN C 232 -31.27 0.19 0.73
CA ASN C 232 -32.60 0.53 1.24
C ASN C 232 -32.71 2.01 1.57
N GLU C 233 -31.73 2.55 2.30
CA GLU C 233 -31.77 3.97 2.64
C GLU C 233 -31.88 4.84 1.39
N ILE C 234 -31.12 4.48 0.34
CA ILE C 234 -31.08 5.31 -0.86
C ILE C 234 -32.35 5.15 -1.69
N TRP C 235 -32.84 3.92 -1.81
CA TRP C 235 -34.02 3.69 -2.65
C TRP C 235 -35.28 4.29 -2.02
N SER C 236 -35.46 4.09 -0.71
CA SER C 236 -36.53 4.77 0.03
C SER C 236 -36.51 6.26 -0.21
N LYS C 237 -35.36 6.89 0.06
CA LYS C 237 -35.25 8.34 -0.07
C LYS C 237 -35.60 8.78 -1.49
N ALA C 238 -35.24 7.97 -2.48
CA ALA C 238 -35.42 8.39 -3.87
C ALA C 238 -36.87 8.27 -4.31
N VAL C 239 -37.55 7.21 -3.88
CA VAL C 239 -38.98 7.14 -4.13
C VAL C 239 -39.69 8.29 -3.41
N ALA C 240 -39.35 8.49 -2.12
CA ALA C 240 -39.92 9.62 -1.39
C ALA C 240 -39.70 10.92 -2.16
N ASP C 241 -38.52 11.08 -2.76
CA ASP C 241 -38.23 12.33 -3.44
C ASP C 241 -38.84 12.39 -4.84
N GLY C 242 -39.54 11.36 -5.27
CA GLY C 242 -40.23 11.39 -6.55
C GLY C 242 -39.39 10.91 -7.72
N MET C 243 -38.25 10.29 -7.48
CA MET C 243 -37.38 9.90 -8.57
C MET C 243 -37.88 8.69 -9.36
N PHE C 244 -38.96 8.03 -8.94
CA PHE C 244 -39.29 6.73 -9.51
C PHE C 244 -40.79 6.45 -9.54
N GLU C 245 -41.23 5.84 -10.65
CA GLU C 245 -42.49 5.10 -10.74
C GLU C 245 -42.26 3.65 -10.32
N THR C 246 -43.09 3.13 -9.42
CA THR C 246 -42.98 1.74 -9.04
C THR C 246 -44.27 0.99 -9.35
N LYS C 247 -44.17 -0.32 -9.16
CA LYS C 247 -45.28 -1.26 -9.36
C LYS C 247 -44.79 -2.53 -8.72
N PRO C 248 -45.53 -3.20 -7.82
CA PRO C 248 -45.06 -4.42 -7.21
C PRO C 248 -44.80 -5.46 -8.30
N ILE C 249 -43.74 -6.23 -8.14
CA ILE C 249 -43.35 -7.21 -9.19
C ILE C 249 -44.44 -8.26 -9.42
N GLU C 250 -45.16 -8.65 -8.37
CA GLU C 250 -46.22 -9.67 -8.46
C GLU C 250 -47.30 -9.27 -9.48
N GLU C 251 -47.66 -7.99 -9.57
CA GLU C 251 -48.73 -7.57 -10.50
C GLU C 251 -48.17 -7.12 -11.84
N VAL C 252 -47.10 -7.74 -12.31
CA VAL C 252 -46.45 -7.33 -13.59
C VAL C 252 -46.08 -8.58 -14.36
N LYS C 253 -46.31 -8.58 -15.66
CA LYS C 253 -45.93 -9.73 -16.45
C LYS C 253 -44.68 -9.43 -17.28
N PRO C 254 -43.79 -10.41 -17.49
CA PRO C 254 -43.87 -11.81 -17.03
C PRO C 254 -43.59 -11.98 -15.55
N GLY C 255 -42.94 -11.00 -14.96
CA GLY C 255 -42.72 -10.98 -13.53
C GLY C 255 -41.72 -12.00 -13.04
N LEU C 256 -41.62 -12.07 -11.71
CA LEU C 256 -40.57 -12.77 -10.98
C LEU C 256 -40.52 -14.26 -11.29
N ASP C 257 -41.51 -14.80 -12.00
CA ASP C 257 -41.49 -16.23 -12.28
C ASP C 257 -40.57 -16.54 -13.45
N LEU C 258 -40.68 -15.74 -14.53
CA LEU C 258 -39.77 -15.85 -15.66
C LEU C 258 -38.32 -15.63 -15.23
N LEU C 259 -38.08 -14.58 -14.45
CA LEU C 259 -36.73 -14.27 -13.98
C LEU C 259 -36.12 -15.46 -13.23
N ARG C 260 -36.86 -16.04 -12.29
CA ARG C 260 -36.29 -17.13 -11.52
C ARG C 260 -35.92 -18.31 -12.41
N LYS C 261 -36.65 -18.46 -13.51
CA LYS C 261 -36.42 -19.61 -14.41
C LYS C 261 -35.14 -19.41 -15.21
N LEU C 262 -34.90 -18.19 -15.67
CA LEU C 262 -33.68 -17.95 -16.46
C LEU C 262 -32.50 -17.95 -15.52
N ALA C 263 -32.69 -17.50 -14.29
CA ALA C 263 -31.57 -17.51 -13.36
C ALA C 263 -31.17 -18.95 -13.15
N LYS C 264 -32.17 -19.80 -12.85
CA LYS C 264 -31.99 -21.25 -12.61
C LYS C 264 -31.26 -21.90 -13.78
N GLU C 265 -31.60 -21.57 -15.02
CA GLU C 265 -30.90 -22.25 -16.14
C GLU C 265 -29.42 -21.84 -16.11
N LYS C 266 -29.14 -20.56 -15.89
CA LYS C 266 -27.74 -20.10 -15.85
C LYS C 266 -26.97 -20.88 -14.79
N ILE C 267 -27.42 -20.85 -13.55
CA ILE C 267 -26.63 -21.53 -12.49
C ILE C 267 -26.46 -23.01 -12.79
N ASP C 268 -27.53 -23.70 -13.15
CA ASP C 268 -27.41 -25.17 -13.35
C ASP C 268 -26.47 -25.44 -14.51
N LYS C 269 -26.61 -24.70 -15.59
CA LYS C 269 -25.72 -24.94 -16.74
C LYS C 269 -24.28 -24.70 -16.31
N ASN C 270 -24.00 -23.54 -15.72
CA ASN C 270 -22.62 -23.18 -15.32
C ASN C 270 -22.12 -24.09 -14.21
N GLN C 271 -22.98 -24.44 -13.26
CA GLN C 271 -22.55 -25.34 -12.15
C GLN C 271 -22.10 -26.66 -12.76
N LYS C 272 -22.76 -27.12 -13.81
CA LYS C 272 -22.33 -28.38 -14.42
C LYS C 272 -20.91 -28.15 -14.92
N THR C 273 -20.70 -27.07 -15.67
CA THR C 273 -19.37 -26.67 -16.21
C THR C 273 -18.33 -26.64 -15.10
N VAL C 274 -18.67 -26.05 -13.96
CA VAL C 274 -17.73 -26.03 -12.82
C VAL C 274 -17.41 -27.46 -12.39
N GLU C 275 -18.42 -28.33 -12.35
CA GLU C 275 -18.22 -29.73 -11.91
C GLU C 275 -17.28 -30.45 -12.87
N GLU C 276 -17.47 -30.34 -14.17
CA GLU C 276 -16.61 -31.04 -15.15
C GLU C 276 -15.17 -30.57 -15.15
N ARG C 277 -14.88 -29.36 -14.71
CA ARG C 277 -13.47 -28.93 -14.69
C ARG C 277 -12.68 -29.91 -13.81
N LYS C 278 -13.32 -30.38 -12.75
CA LYS C 278 -12.71 -31.29 -11.75
C LYS C 278 -12.15 -32.55 -12.42
N THR C 279 -12.82 -33.06 -13.43
CA THR C 279 -12.35 -34.27 -14.11
C THR C 279 -12.01 -34.00 -15.55
N PHE C 280 -11.62 -32.77 -15.86
CA PHE C 280 -11.39 -32.42 -17.26
C PHE C 280 -10.32 -33.29 -17.89
N GLY C 281 -9.32 -33.73 -17.11
CA GLY C 281 -8.20 -34.47 -17.63
C GLY C 281 -8.31 -35.96 -17.36
N ILE C 282 -7.15 -36.61 -17.34
CA ILE C 282 -7.02 -38.01 -16.96
C ILE C 282 -6.17 -38.02 -15.69
N ASN C 283 -6.80 -38.18 -14.53
CA ASN C 283 -6.13 -38.19 -13.25
C ASN C 283 -5.78 -36.76 -12.84
N LYS C 284 -6.29 -35.78 -13.58
CA LYS C 284 -5.99 -34.37 -13.37
C LYS C 284 -7.23 -33.59 -13.73
N GLY C 285 -7.39 -32.43 -13.08
CA GLY C 285 -8.47 -31.51 -13.38
C GLY C 285 -7.98 -30.08 -13.41
N LEU C 286 -8.94 -29.18 -13.63
CA LEU C 286 -8.72 -27.74 -13.71
C LEU C 286 -9.11 -27.07 -12.41
N ARG C 287 -8.53 -25.90 -12.17
CA ARG C 287 -8.76 -25.18 -10.91
C ARG C 287 -10.22 -24.77 -10.78
N ASN C 288 -10.66 -24.66 -9.53
CA ASN C 288 -12.01 -24.23 -9.19
C ASN C 288 -11.85 -23.10 -8.20
N PRO C 289 -12.18 -21.85 -8.59
CA PRO C 289 -12.01 -20.73 -7.66
C PRO C 289 -12.93 -20.82 -6.47
N TYR C 290 -13.88 -21.73 -6.51
CA TYR C 290 -14.92 -21.83 -5.50
C TYR C 290 -14.64 -22.89 -4.45
N ALA C 291 -13.72 -23.82 -4.71
CA ALA C 291 -13.41 -24.90 -3.77
C ALA C 291 -13.14 -24.40 -2.38
FE1 SF4 D . 8.49 -3.40 2.42
FE2 SF4 D . 8.68 -6.19 1.55
FE3 SF4 D . 6.89 -4.28 0.37
FE4 SF4 D . 6.54 -5.21 3.17
S1 SF4 D . 6.35 -6.46 1.26
S2 SF4 D . 6.28 -2.97 2.26
S3 SF4 D . 8.86 -5.43 3.80
S4 SF4 D . 9.26 -4.13 0.36
FE1 SF4 E . 3.95 -7.91 -10.72
FE2 SF4 E . 1.14 -8.64 -10.10
FE3 SF4 E . 2.16 -5.78 -10.43
FE4 SF4 E . 2.61 -7.50 -8.20
S1 SF4 E . 0.53 -6.79 -8.77
S2 SF4 E . 4.15 -6.09 -9.37
S3 SF4 E . 3.00 -9.66 -9.20
S4 SF4 E . 2.14 -7.42 -12.03
FE1 SF4 F . -7.55 -9.60 -13.93
FE2 SF4 F . -8.97 -11.51 -15.39
FE3 SF4 F . -10.46 -9.84 -13.44
FE4 SF4 F . -8.70 -11.85 -12.61
S1 SF4 F . -10.63 -12.20 -13.72
S2 SF4 F . -8.68 -9.67 -11.88
S3 SF4 F . -6.92 -11.98 -14.25
S4 SF4 F . -9.29 -9.09 -15.41
C1 144 G . 18.40 -12.55 17.50
N 144 G . 17.76 -11.28 17.72
C2 144 G . 17.88 -10.36 16.33
O2 144 G . 16.64 -10.30 15.70
C3 144 G . 16.32 -11.52 18.02
O3 144 G . 15.67 -10.28 18.64
C4 144 G . 18.45 -10.56 18.92
O4 144 G . 19.37 -11.48 19.64
FE1 FES H . 6.71 -14.04 -14.44
S1 FES H . 8.39 -12.88 -15.56
S2 FES H . 7.39 -16.07 -13.63
XE XE I . 2.61 -3.88 16.72
XE XE J . -0.92 -5.71 16.95
XE XE K . -3.02 -4.82 14.12
XE XE L . -4.18 -15.42 12.44
XE XE M . -4.46 -20.17 11.46
O6 BU3 N . -5.10 4.00 -15.14
C3 BU3 N . -5.54 3.09 -14.15
C4 BU3 N . -6.05 3.84 -12.91
C2 BU3 N . -4.40 2.17 -13.69
O5 BU3 N . -3.58 2.84 -12.77
C1 BU3 N . -3.57 1.73 -14.90
HO6 BU3 N . -4.37 4.35 -14.89
H3 BU3 N . -6.25 2.58 -14.56
H41 BU3 N . -6.68 4.52 -13.18
H42 BU3 N . -5.30 4.25 -12.45
H43 BU3 N . -6.48 3.21 -12.32
H2 BU3 N . -4.80 1.39 -13.27
HO5 BU3 N . -3.09 3.41 -13.17
H11 BU3 N . -2.94 1.04 -14.61
H12 BU3 N . -3.09 2.48 -15.25
H13 BU3 N . -4.15 1.36 -15.58
O6 BU3 O . -12.93 -2.17 6.86
C3 BU3 O . -13.91 -2.54 5.93
C4 BU3 O . -15.34 -2.33 6.43
C2 BU3 O . -13.72 -4.02 5.57
O5 BU3 O . -14.38 -4.85 6.50
C1 BU3 O . -12.25 -4.45 5.55
HO6 BU3 O . -13.26 -2.19 7.64
H3 BU3 O . -13.79 -1.97 5.15
H41 BU3 O . -15.88 -1.93 5.72
H42 BU3 O . -15.33 -1.75 7.20
H43 BU3 O . -15.73 -3.19 6.67
H2 BU3 O . -14.11 -4.14 4.68
HO5 BU3 O . -14.26 -4.54 7.29
H11 BU3 O . -11.99 -4.76 6.44
H12 BU3 O . -11.69 -3.69 5.29
H13 BU3 O . -12.12 -5.16 4.91
O6 BU3 P . -19.90 -17.77 8.59
C3 BU3 P . -21.11 -17.31 9.13
C4 BU3 P . -22.10 -16.97 8.02
C2 BU3 P . -20.82 -16.10 10.04
O5 BU3 P . -21.59 -16.20 11.21
C1 BU3 P . -21.13 -14.75 9.36
HO6 BU3 P . -19.78 -18.59 8.79
H3 BU3 P . -21.51 -18.01 9.67
H41 BU3 P . -21.61 -16.60 7.27
H42 BU3 P . -22.74 -16.32 8.35
H43 BU3 P . -22.56 -17.77 7.74
H2 BU3 P . -19.87 -16.11 10.23
HO5 BU3 P . -22.31 -16.62 11.04
H11 BU3 P . -20.73 -14.04 9.87
H12 BU3 P . -22.09 -14.63 9.31
H13 BU3 P . -20.76 -14.75 8.46
XE XE Q . 5.88 1.95 12.93
XE XE R . 3.27 3.08 16.06
FE NFU S . 15.80 6.73 4.41
NI NFU S . 14.25 4.89 5.63
C1 NFU S . 15.37 8.40 5.12
N1 NFU S . 15.10 9.50 5.50
C2 NFU S . 17.46 6.81 5.22
N2 NFU S . 18.48 6.88 5.72
C3 NFU S . 16.44 7.47 2.86
O3 NFU S . 16.78 7.96 1.90
FE FE T . 25.28 2.75 -1.49
MG MG U . 27.79 29.00 7.33
C1 144 V . 28.61 27.86 13.95
N 144 V . 28.46 28.03 12.43
C2 144 V . 29.39 27.06 11.71
O2 144 V . 30.72 27.57 11.70
C3 144 V . 27.02 27.75 12.03
O3 144 V . 26.79 26.34 11.97
C4 144 V . 28.83 29.46 12.04
O4 144 V . 27.74 30.34 12.33
H11 144 V . 28.31 26.84 14.23
H12 144 V . 29.65 28.02 14.23
H13 144 V . 27.98 28.58 14.47
H21 144 V . 29.04 26.94 10.69
H22 144 V . 29.37 26.10 12.23
HO2 144 V . 31.35 26.84 11.90
H31 144 V . 26.35 28.21 12.76
H32 144 V . 26.83 28.19 11.05
HO3 144 V . 26.93 26.02 11.06
H41 144 V . 29.71 29.77 12.61
H42 144 V . 29.04 29.49 10.97
HO4 144 V . 27.88 31.20 11.89
O6 BU3 W . -12.74 6.59 4.65
C3 BU3 W . -11.71 6.06 5.43
C4 BU3 W . -12.11 4.66 5.88
C2 BU3 W . -11.40 6.94 6.65
O5 BU3 W . -11.61 8.30 6.39
C1 BU3 W . -9.93 6.71 7.02
HO6 BU3 W . -12.48 7.30 4.26
H3 BU3 W . -10.90 6.04 4.89
H41 BU3 W . -12.62 4.23 5.17
H42 BU3 W . -12.65 4.73 6.68
H43 BU3 W . -11.32 4.14 6.07
H2 BU3 W . -11.99 6.69 7.38
HO5 BU3 W . -11.83 8.70 7.12
H11 BU3 W . -9.86 6.58 7.97
H12 BU3 W . -9.41 7.50 6.77
H13 BU3 W . -9.59 5.94 6.55
PA FAD X . -28.86 2.94 -18.15
O1A FAD X . -29.15 2.73 -19.61
O2A FAD X . -29.48 4.18 -17.57
O5B FAD X . -27.25 2.90 -17.72
C5B FAD X . -26.43 1.87 -18.26
C4B FAD X . -25.61 1.15 -17.16
O4B FAD X . -25.03 0.11 -17.72
C3B FAD X . -24.54 2.15 -16.76
O3B FAD X . -24.57 2.40 -15.37
C2B FAD X . -23.25 1.43 -17.27
O2B FAD X . -22.17 1.79 -16.26
C1B FAD X . -23.54 0.13 -17.37
N9A FAD X . -22.96 -0.64 -18.44
C8A FAD X . -23.33 -0.59 -19.76
N7A FAD X . -22.53 -1.52 -20.49
C5A FAD X . -21.67 -2.17 -19.60
C6A FAD X . -20.66 -3.17 -19.74
N6A FAD X . -20.06 -3.96 -20.86
N1A FAD X . -19.96 -3.60 -18.63
C2A FAD X . -20.24 -3.08 -17.38
N3A FAD X . -21.20 -2.12 -17.24
C4A FAD X . -21.94 -1.63 -18.32
N1 FAD X . -30.44 -7.66 -18.18
C2 FAD X . -31.43 -8.72 -18.11
O2 FAD X . -32.55 -8.49 -17.64
N3 FAD X . -31.04 -10.01 -18.60
C4 FAD X . -29.74 -10.24 -19.14
O4 FAD X . -29.42 -11.31 -19.53
C4X FAD X . -28.74 -9.10 -19.20
N5 FAD X . -27.45 -9.33 -19.74
C5X FAD X . -26.51 -8.25 -19.78
C6 FAD X . -25.23 -8.51 -20.31
C7 FAD X . -24.31 -7.47 -20.36
C7M FAD X . -23.11 -8.23 -21.01
C8 FAD X . -24.65 -6.15 -19.87
C8M FAD X . -23.53 -5.08 -19.98
C9 FAD X . -25.92 -5.88 -19.34
C9A FAD X . -26.86 -6.94 -19.29
N10 FAD X . -28.22 -6.72 -18.74
C10 FAD X . -29.13 -7.85 -18.72
C1' FAD X . -28.65 -5.37 -18.20
C2' FAD X . -29.61 -4.66 -19.12
O2' FAD X . -29.22 -4.86 -20.45
C3' FAD X . -29.53 -3.16 -18.81
O3' FAD X . -28.26 -2.71 -19.09
C4' FAD X . -29.77 -2.86 -17.30
O4' FAD X . -31.12 -3.13 -16.99
C5' FAD X . -29.44 -1.37 -16.99
O5' FAD X . -30.43 -0.59 -17.69
P FAD X . -30.82 0.89 -17.22
O1P FAD X . -31.16 1.00 -15.81
O2P FAD X . -31.89 1.46 -18.11
O3P FAD X . -29.41 1.64 -17.35
FE1 SF4 Y . -19.31 -11.32 -15.60
FE2 SF4 Y . -20.97 -13.54 -15.13
FE3 SF4 Y . -19.46 -13.27 -17.63
FE4 SF4 Y . -21.87 -11.62 -16.90
S1 SF4 Y . -21.85 -13.89 -17.26
S2 SF4 Y . -19.79 -10.92 -17.72
S3 SF4 Y . -21.49 -11.22 -14.54
S4 SF4 Y . -18.59 -13.59 -15.44
O6 BU3 Z . -5.96 2.81 5.96
C3 BU3 Z . -7.27 3.23 5.68
C4 BU3 Z . -7.12 4.34 4.63
C2 BU3 Z . -7.97 3.72 6.95
O5 BU3 Z . -7.37 4.93 7.32
C1 BU3 Z . -7.85 2.61 8.01
HO6 BU3 Z . -5.48 2.91 5.27
H3 BU3 Z . -7.84 2.51 5.34
H41 BU3 Z . -7.32 4.00 3.76
H42 BU3 Z . -6.20 4.68 4.64
H43 BU3 Z . -7.73 5.07 4.84
H2 BU3 Z . -8.92 3.89 6.83
HO5 BU3 Z . -6.55 4.93 7.10
H11 BU3 Z . -7.73 3.01 8.89
H12 BU3 Z . -7.10 2.04 7.80
H13 BU3 Z . -8.67 2.09 8.02
O6 BU3 AA . -21.03 -0.87 4.83
C3 BU3 AA . -21.43 -2.02 4.14
C4 BU3 AA . -21.16 -3.27 5.00
C2 BU3 AA . -20.69 -2.10 2.82
O5 BU3 AA . -19.54 -2.88 3.01
C1 BU3 AA . -20.31 -0.71 2.33
HO6 BU3 AA . -21.57 -0.23 4.67
H3 BU3 AA . -22.39 -1.98 3.98
H41 BU3 AA . -21.62 -3.20 5.84
H42 BU3 AA . -20.20 -3.33 5.16
H43 BU3 AA . -21.45 -4.05 4.53
H2 BU3 AA . -21.26 -2.51 2.14
HO5 BU3 AA . -19.09 -2.58 3.65
H11 BU3 AA . -19.54 -0.38 2.84
H12 BU3 AA . -21.05 -0.10 2.45
H13 BU3 AA . -20.08 -0.75 1.38
O6 BU3 BA . -21.27 4.39 -28.87
C3 BU3 BA . -22.46 3.80 -28.42
C4 BU3 BA . -23.68 4.69 -28.70
C2 BU3 BA . -22.38 3.48 -26.91
O5 BU3 BA . -22.94 4.51 -26.12
C1 BU3 BA . -20.94 3.27 -26.44
HO6 BU3 BA . -21.16 5.14 -28.49
H3 BU3 BA . -22.58 2.97 -28.90
H41 BU3 BA . -23.81 4.75 -29.67
H42 BU3 BA . -23.52 5.57 -28.34
H43 BU3 BA . -24.47 4.30 -28.29
H2 BU3 BA . -22.90 2.66 -26.79
HO5 BU3 BA . -22.34 4.83 -25.61
H11 BU3 BA . -20.93 3.06 -25.50
H12 BU3 BA . -20.43 4.08 -26.60
H13 BU3 BA . -20.54 2.54 -26.95
#